data_3GOL
#
_entry.id   3GOL
#
_cell.length_a   106.048
_cell.length_b   106.620
_cell.length_c   134.679
_cell.angle_alpha   90.00
_cell.angle_beta   90.00
_cell.angle_gamma   90.00
#
_symmetry.space_group_name_H-M   'P 21 21 21'
#
loop_
_entity.id
_entity.type
_entity.pdbx_description
1 polymer 'RNA-directed RNA polymerase'
2 non-polymer (11R)-10-acetyl-11-(2,4-dichlorophenyl)-6-hydroxy-3,3-dimethyl-2,3,4,5,10,11-hexahydro-1H-dibenzo[b,e][1,4]diazepin-1-one
3 non-polymer 'MAGNESIUM ION'
4 water water
#
_entity_poly.entity_id   1
_entity_poly.type   'polypeptide(L)'
_entity_poly.pdbx_seq_one_letter_code
;MASSMSYTWTGALITPCAAEESKLPINPLSNSLLRHHNMVYATTSRSASLRQKKVTFDRLQVLDDHYRDVLKEMKAKAST
VKAKLLSIEEACKLTPPHSAKSKFGYGAKDVRNLSSRAVNHIRSVWEDLLEDTETPIDTTIMAKSEVFCVQPEKGGRKPA
RLIVFPDLGVRVCEKMALYDVVSTLPQAVMGSSYGFQYSPKQRVEFLVNTWKSKKCPMGFSYDTRCFDSTVTESDIRVEE
SIYQCCDLAPEARQAIRSLTERLYIGGPLTNSKGQNCGYRRCRASGVLTTSCGNTLTCYLKATAACRAAKLQDCTMLVNG
DDLVVICESAGTQEDAAALRAFTEAMTRYSAPPGDPPQPEYDLELITSCSSNVSVAHDASGKRVYYLTRDPTTPLARAAW
ETARHTPINSWLGNIIMYAPTLWARMILMTHFFSILLAQEQLEKALDCQIYGACYSIEPLDLPQIIERLHGLSAFTLHSY
SPGEINRVASCLRKLGVPPLRTWRHRARSVRAKLLSQGGRAATCGRYLFNWAVRTKLKLTPIPAASQLDLSGWFVAGYSG
GDIYHSLSRARPRLEHHHHHH
;
_entity_poly.pdbx_strand_id   A,B
#
loop_
_chem_comp.id
_chem_comp.type
_chem_comp.name
_chem_comp.formula
MG non-polymer 'MAGNESIUM ION' 'Mg 2'
XND non-polymer (11R)-10-acetyl-11-(2,4-dichlorophenyl)-6-hydroxy-3,3-dimethyl-2,3,4,5,10,11-hexahydro-1H-dibenzo[b,e][1,4]diazepin-1-one 'C23 H22 Cl2 N2 O3'
#
# COMPACT_ATOMS: atom_id res chain seq x y z
N SER A 4 -30.98 19.35 29.82
CA SER A 4 -30.74 18.51 31.02
C SER A 4 -29.27 18.61 31.47
N MET A 5 -29.07 18.62 32.79
CA MET A 5 -27.75 18.78 33.38
C MET A 5 -26.98 17.48 33.35
N SER A 6 -25.65 17.58 33.28
CA SER A 6 -24.76 16.43 33.30
C SER A 6 -24.78 15.72 34.68
N TYR A 7 -24.76 16.51 35.77
CA TYR A 7 -24.88 15.99 37.15
C TYR A 7 -25.75 16.92 38.03
N THR A 8 -26.54 16.34 38.92
CA THR A 8 -27.15 17.09 40.03
C THR A 8 -26.52 16.63 41.32
N TRP A 9 -26.31 17.54 42.28
CA TRP A 9 -25.58 17.22 43.54
C TRP A 9 -26.39 17.46 44.81
N THR A 10 -26.33 16.53 45.77
CA THR A 10 -27.05 16.66 47.02
C THR A 10 -26.38 17.60 47.98
N GLY A 11 -25.07 17.82 47.83
CA GLY A 11 -24.29 18.51 48.87
C GLY A 11 -23.29 17.61 49.60
N ALA A 12 -23.51 16.29 49.64
CA ALA A 12 -22.53 15.33 50.19
C ALA A 12 -21.19 15.47 49.54
N LEU A 13 -20.12 15.31 50.31
CA LEU A 13 -18.78 15.45 49.77
C LEU A 13 -18.31 14.19 49.08
N ILE A 14 -17.44 14.37 48.10
CA ILE A 14 -16.67 13.26 47.53
C ILE A 14 -15.56 12.89 48.53
N THR A 15 -15.67 11.69 49.08
CA THR A 15 -14.89 11.32 50.25
C THR A 15 -13.84 10.28 49.89
N PRO A 16 -12.63 10.38 50.49
CA PRO A 16 -11.60 9.35 50.32
C PRO A 16 -11.94 8.03 51.01
N CYS A 17 -10.94 7.22 51.36
CA CYS A 17 -11.14 6.08 52.27
C CYS A 17 -9.85 5.47 52.86
N ALA A 18 -8.72 5.68 52.20
CA ALA A 18 -7.40 5.46 52.81
C ALA A 18 -6.87 6.84 53.16
N ALA A 19 -5.60 6.89 53.56
CA ALA A 19 -4.88 8.15 53.61
C ALA A 19 -4.58 8.47 52.16
N GLU A 20 -4.60 9.76 51.82
CA GLU A 20 -4.24 10.25 50.49
C GLU A 20 -3.02 11.18 50.61
N GLU A 21 -2.05 11.02 49.71
CA GLU A 21 -0.80 11.76 49.79
C GLU A 21 -0.72 12.59 48.55
N SER A 22 -0.35 13.84 48.72
CA SER A 22 -0.21 14.76 47.61
C SER A 22 1.27 14.99 47.27
N LYS A 23 2.11 15.27 48.27
CA LYS A 23 3.52 15.57 48.01
C LYS A 23 4.37 14.30 47.77
N LEU A 24 5.36 14.40 46.88
CA LEU A 24 6.27 13.30 46.57
C LEU A 24 7.24 13.15 47.72
N PRO A 25 7.60 11.89 48.06
CA PRO A 25 8.50 11.71 49.18
C PRO A 25 9.93 12.01 48.77
N ILE A 26 10.76 12.25 49.76
CA ILE A 26 12.14 12.57 49.53
C ILE A 26 12.89 11.26 49.80
N ASN A 27 13.02 10.47 48.73
CA ASN A 27 13.52 9.10 48.76
C ASN A 27 14.86 9.04 48.02
N PRO A 28 15.86 8.29 48.56
CA PRO A 28 17.19 8.24 47.93
C PRO A 28 17.16 7.77 46.46
N LEU A 29 16.40 6.71 46.18
CA LEU A 29 16.28 6.15 44.82
C LEU A 29 15.60 7.11 43.82
N SER A 30 14.40 7.59 44.14
CA SER A 30 13.70 8.57 43.28
C SER A 30 14.45 9.89 43.19
N ASN A 31 15.14 10.30 44.25
CA ASN A 31 15.96 11.50 44.19
C ASN A 31 17.10 11.41 43.14
N SER A 32 17.67 10.24 42.92
CA SER A 32 18.63 10.08 41.83
C SER A 32 17.97 10.04 40.43
N LEU A 33 16.65 9.99 40.37
CA LEU A 33 15.93 10.11 39.09
C LEU A 33 15.42 11.55 38.86
N LEU A 34 15.00 12.20 39.95
CA LEU A 34 14.34 13.48 39.84
C LEU A 34 14.53 14.31 41.13
N ARG A 35 15.08 15.51 40.95
CA ARG A 35 15.44 16.39 42.06
C ARG A 35 14.29 17.29 42.45
N HIS A 36 13.73 18.05 41.51
CA HIS A 36 12.71 19.04 41.86
C HIS A 36 11.44 18.31 42.32
N HIS A 37 11.43 17.89 43.60
CA HIS A 37 10.42 16.97 44.12
C HIS A 37 9.15 17.69 44.53
N ASN A 38 9.25 18.99 44.79
CA ASN A 38 8.08 19.82 45.06
C ASN A 38 7.20 19.95 43.85
N MET A 39 7.80 19.83 42.67
CA MET A 39 7.05 20.00 41.43
C MET A 39 6.09 18.85 41.13
N VAL A 40 6.35 17.69 41.73
CA VAL A 40 5.52 16.52 41.53
C VAL A 40 4.48 16.45 42.65
N TYR A 41 3.23 16.23 42.26
CA TYR A 41 2.13 16.06 43.20
C TYR A 41 1.15 14.96 42.73
N ALA A 42 0.31 14.48 43.63
CA ALA A 42 -0.77 13.57 43.28
C ALA A 42 -2.06 14.30 43.56
N THR A 43 -3.00 14.25 42.63
CA THR A 43 -4.34 14.79 42.90
C THR A 43 -5.05 14.02 44.01
N THR A 44 -5.95 14.68 44.74
CA THR A 44 -6.72 14.02 45.82
C THR A 44 -8.16 14.53 45.98
N SER A 45 -8.88 13.88 46.88
CA SER A 45 -10.28 14.23 47.25
C SER A 45 -10.54 15.66 47.67
N ARG A 46 -9.50 16.37 48.09
CA ARG A 46 -9.64 17.78 48.49
C ARG A 46 -9.97 18.73 47.32
N SER A 47 -9.56 18.38 46.10
CA SER A 47 -9.89 19.19 44.90
C SER A 47 -11.09 18.65 44.13
N ALA A 48 -11.82 17.70 44.70
CA ALA A 48 -12.93 17.07 44.00
C ALA A 48 -14.05 18.06 43.65
N SER A 49 -14.38 18.92 44.60
CA SER A 49 -15.41 19.95 44.38
C SER A 49 -15.06 20.95 43.29
N LEU A 50 -13.78 21.14 43.00
CA LEU A 50 -13.38 21.93 41.81
C LEU A 50 -13.77 21.23 40.52
N ARG A 51 -13.46 19.94 40.44
CA ARG A 51 -13.78 19.18 39.26
C ARG A 51 -15.29 19.06 39.07
N GLN A 52 -16.02 18.95 40.18
CA GLN A 52 -17.47 18.85 40.13
C GLN A 52 -18.08 20.05 39.41
N LYS A 53 -17.60 21.26 39.74
CA LYS A 53 -18.09 22.46 39.05
C LYS A 53 -17.71 22.44 37.55
N LYS A 54 -16.54 21.91 37.20
CA LYS A 54 -16.10 21.84 35.79
C LYS A 54 -16.95 20.89 34.97
N VAL A 55 -17.36 19.80 35.60
CA VAL A 55 -17.87 18.63 34.90
C VAL A 55 -19.41 18.65 34.88
N THR A 56 -19.98 19.64 35.56
CA THR A 56 -21.41 19.82 35.69
C THR A 56 -21.88 20.99 34.82
N PHE A 57 -22.70 20.69 33.82
CA PHE A 57 -23.25 21.69 32.89
C PHE A 57 -24.42 21.14 32.04
N ASP A 58 -25.24 22.05 31.49
CA ASP A 58 -26.38 21.71 30.62
C ASP A 58 -25.89 21.32 29.24
N ARG A 59 -26.66 20.55 28.47
CA ARG A 59 -26.15 20.00 27.19
C ARG A 59 -27.09 20.12 26.02
N LEU A 60 -26.91 21.15 25.19
CA LEU A 60 -27.74 21.28 24.01
C LEU A 60 -27.27 20.24 23.01
N GLN A 61 -28.21 19.68 22.24
CA GLN A 61 -27.92 18.72 21.16
C GLN A 61 -28.95 18.88 20.05
N VAL A 62 -28.49 19.20 18.85
CA VAL A 62 -29.34 19.25 17.69
C VAL A 62 -28.81 18.25 16.68
N LEU A 63 -29.63 17.29 16.29
CA LEU A 63 -29.20 16.30 15.32
C LEU A 63 -29.71 16.64 13.94
N ASP A 64 -28.91 16.28 12.93
CA ASP A 64 -29.22 16.64 11.55
C ASP A 64 -29.19 15.37 10.68
N ASP A 65 -29.35 15.55 9.37
CA ASP A 65 -29.47 14.42 8.47
C ASP A 65 -28.13 13.70 8.27
N HIS A 66 -27.02 14.43 8.34
CA HIS A 66 -25.68 13.83 8.29
C HIS A 66 -25.45 12.85 9.43
N TYR A 67 -25.84 13.27 10.63
CA TYR A 67 -25.70 12.46 11.82
C TYR A 67 -26.58 11.23 11.65
N ARG A 68 -27.83 11.43 11.24
CA ARG A 68 -28.73 10.31 10.95
C ARG A 68 -28.16 9.31 9.97
N ASP A 69 -27.48 9.80 8.94
CA ASP A 69 -26.99 8.93 7.86
C ASP A 69 -25.74 8.12 8.22
N VAL A 70 -24.81 8.71 8.96
CA VAL A 70 -23.65 7.97 9.44
C VAL A 70 -24.07 6.83 10.39
N LEU A 71 -24.97 7.17 11.31
CA LEU A 71 -25.57 6.20 12.21
C LEU A 71 -26.04 4.97 11.45
N LYS A 72 -26.76 5.18 10.34
CA LYS A 72 -27.34 4.07 9.57
C LYS A 72 -26.30 3.23 8.84
N GLU A 73 -25.26 3.88 8.35
CA GLU A 73 -24.11 3.16 7.88
C GLU A 73 -23.43 2.31 8.96
N MET A 74 -23.29 2.89 10.16
CA MET A 74 -22.71 2.21 11.32
C MET A 74 -23.52 0.97 11.76
N LYS A 75 -24.83 1.15 11.99
CA LYS A 75 -25.71 0.03 12.37
C LYS A 75 -25.57 -1.10 11.34
N ALA A 76 -25.44 -0.71 10.08
CA ALA A 76 -25.44 -1.68 9.02
C ALA A 76 -24.19 -2.57 9.09
N LYS A 77 -23.06 -1.97 9.43
CA LYS A 77 -21.84 -2.77 9.62
C LYS A 77 -21.95 -3.67 10.89
N ALA A 78 -22.63 -3.18 11.92
CA ALA A 78 -22.80 -3.91 13.18
C ALA A 78 -23.61 -5.21 13.07
N SER A 79 -24.62 -5.22 12.20
CA SER A 79 -25.48 -6.39 12.02
C SER A 79 -24.74 -7.53 11.34
N THR A 80 -23.50 -7.24 10.99
CA THR A 80 -22.57 -8.19 10.44
C THR A 80 -21.96 -9.07 11.52
N VAL A 81 -21.95 -8.60 12.77
CA VAL A 81 -21.23 -9.21 13.91
C VAL A 81 -22.10 -10.14 14.74
N LYS A 82 -21.48 -11.22 15.22
CA LYS A 82 -22.11 -12.12 16.17
C LYS A 82 -21.29 -12.16 17.46
N ALA A 83 -21.88 -11.76 18.59
CA ALA A 83 -21.19 -11.74 19.91
C ALA A 83 -21.47 -12.99 20.72
N LYS A 84 -20.74 -13.18 21.81
CA LYS A 84 -20.86 -14.42 22.56
C LYS A 84 -20.71 -14.22 24.06
N LEU A 85 -21.56 -14.91 24.82
CA LEU A 85 -21.53 -14.87 26.29
C LEU A 85 -20.26 -15.45 26.85
N LEU A 86 -19.67 -14.79 27.85
CA LEU A 86 -18.61 -15.40 28.64
C LEU A 86 -19.30 -16.21 29.70
N SER A 87 -18.65 -17.27 30.16
CA SER A 87 -19.10 -17.99 31.33
C SER A 87 -18.63 -17.20 32.55
N ILE A 88 -19.21 -17.50 33.71
CA ILE A 88 -18.88 -16.80 34.94
C ILE A 88 -17.38 -16.95 35.15
N GLU A 89 -16.89 -18.18 35.04
CA GLU A 89 -15.46 -18.45 35.17
C GLU A 89 -14.59 -17.54 34.30
N GLU A 90 -14.97 -17.33 33.05
CA GLU A 90 -14.19 -16.46 32.14
C GLU A 90 -14.26 -15.02 32.56
N ALA A 91 -15.48 -14.52 32.73
CA ALA A 91 -15.71 -13.18 33.24
C ALA A 91 -14.93 -12.92 34.53
N CYS A 92 -14.87 -13.93 35.39
CA CYS A 92 -14.18 -13.83 36.67
C CYS A 92 -12.71 -13.70 36.47
N LYS A 93 -12.16 -14.55 35.62
CA LYS A 93 -10.73 -14.57 35.45
C LYS A 93 -10.26 -13.34 34.69
N LEU A 94 -11.19 -12.56 34.18
CA LEU A 94 -10.85 -11.25 33.63
C LEU A 94 -10.71 -10.14 34.68
N THR A 95 -11.13 -10.39 35.91
CA THR A 95 -11.15 -9.35 36.95
C THR A 95 -9.78 -9.15 37.57
N PRO A 96 -9.27 -7.91 37.57
CA PRO A 96 -7.94 -7.72 38.13
C PRO A 96 -7.97 -7.83 39.65
N PRO A 97 -6.88 -8.31 40.24
CA PRO A 97 -6.90 -8.65 41.66
C PRO A 97 -6.99 -7.42 42.59
N HIS A 98 -6.69 -6.23 42.08
CA HIS A 98 -6.81 -5.04 42.89
C HIS A 98 -8.03 -4.19 42.52
N SER A 99 -9.11 -4.86 42.15
CA SER A 99 -10.40 -4.18 41.95
C SER A 99 -11.05 -3.82 43.28
N ALA A 100 -11.94 -2.84 43.26
CA ALA A 100 -12.69 -2.45 44.45
C ALA A 100 -13.52 -3.61 44.94
N LYS A 101 -13.45 -3.93 46.22
CA LYS A 101 -14.30 -5.00 46.77
C LYS A 101 -15.76 -4.60 46.66
N SER A 102 -16.63 -5.59 46.81
CA SER A 102 -18.08 -5.39 46.75
C SER A 102 -18.60 -4.84 48.07
N LYS A 103 -19.70 -4.12 48.01
CA LYS A 103 -20.47 -3.77 49.20
C LYS A 103 -20.92 -5.03 49.96
N PHE A 104 -21.01 -6.17 49.29
CA PHE A 104 -21.73 -7.34 49.83
C PHE A 104 -20.79 -8.44 50.31
N GLY A 105 -19.72 -8.05 51.02
CA GLY A 105 -18.83 -9.01 51.65
C GLY A 105 -17.59 -9.26 50.82
N TYR A 106 -17.67 -10.23 49.92
CA TYR A 106 -16.55 -10.64 49.02
C TYR A 106 -15.77 -9.54 48.26
N GLY A 107 -14.58 -9.91 47.81
CA GLY A 107 -13.73 -8.99 47.05
C GLY A 107 -13.08 -9.61 45.83
N ALA A 108 -12.22 -8.82 45.19
CA ALA A 108 -11.61 -9.19 43.91
C ALA A 108 -10.88 -10.56 43.91
N LYS A 109 -10.23 -10.89 45.03
CA LYS A 109 -9.54 -12.19 45.20
C LYS A 109 -10.54 -13.31 45.20
N ASP A 110 -11.66 -13.07 45.88
CA ASP A 110 -12.71 -14.06 46.02
C ASP A 110 -13.39 -14.29 44.68
N VAL A 111 -13.37 -13.29 43.80
CA VAL A 111 -13.92 -13.43 42.46
C VAL A 111 -13.02 -14.34 41.62
N ARG A 112 -11.76 -13.97 41.48
CA ARG A 112 -10.80 -14.73 40.70
C ARG A 112 -10.59 -16.17 41.19
N ASN A 113 -10.78 -16.39 42.50
CA ASN A 113 -10.70 -17.73 43.09
C ASN A 113 -12.03 -18.45 43.11
N LEU A 114 -13.08 -17.77 42.61
CA LEU A 114 -14.42 -18.35 42.49
C LEU A 114 -15.10 -18.82 43.81
N SER A 115 -14.73 -18.20 44.94
CA SER A 115 -15.37 -18.48 46.23
C SER A 115 -16.89 -18.55 46.08
N SER A 116 -17.54 -19.41 46.87
CA SER A 116 -18.97 -19.62 46.75
C SER A 116 -19.77 -18.36 46.96
N ARG A 117 -19.33 -17.51 47.89
CA ARG A 117 -20.00 -16.24 48.18
C ARG A 117 -20.12 -15.36 46.93
N ALA A 118 -18.99 -15.00 46.34
CA ALA A 118 -18.96 -14.11 45.16
C ALA A 118 -19.83 -14.62 43.99
N VAL A 119 -19.68 -15.89 43.65
CA VAL A 119 -20.40 -16.46 42.51
C VAL A 119 -21.90 -16.48 42.74
N ASN A 120 -22.30 -16.73 43.98
CA ASN A 120 -23.71 -16.72 44.33
C ASN A 120 -24.26 -15.31 44.23
N HIS A 121 -23.46 -14.32 44.62
CA HIS A 121 -23.91 -12.94 44.49
C HIS A 121 -24.00 -12.56 43.02
N ILE A 122 -22.95 -12.85 42.26
CA ILE A 122 -22.95 -12.66 40.80
C ILE A 122 -24.15 -13.31 40.11
N ARG A 123 -24.38 -14.58 40.36
CA ARG A 123 -25.56 -15.25 39.83
C ARG A 123 -26.84 -14.48 40.11
N SER A 124 -26.95 -13.99 41.34
CA SER A 124 -28.16 -13.31 41.74
C SER A 124 -28.29 -11.98 41.00
N VAL A 125 -27.17 -11.28 40.82
CA VAL A 125 -27.10 -9.99 40.12
C VAL A 125 -27.41 -10.19 38.63
N TRP A 126 -26.98 -11.34 38.12
CA TRP A 126 -27.27 -11.70 36.75
C TRP A 126 -28.76 -11.98 36.57
N GLU A 127 -29.31 -12.81 37.46
CA GLU A 127 -30.73 -13.12 37.46
C GLU A 127 -31.52 -11.86 37.52
N ASP A 128 -31.09 -10.97 38.40
CA ASP A 128 -31.72 -9.68 38.56
C ASP A 128 -31.72 -8.86 37.24
N LEU A 129 -30.63 -8.90 36.48
CA LEU A 129 -30.52 -8.08 35.27
C LEU A 129 -31.45 -8.53 34.16
N LEU A 130 -31.78 -9.82 34.20
CA LEU A 130 -32.70 -10.39 33.23
C LEU A 130 -34.13 -10.11 33.59
N GLU A 131 -34.38 -9.84 34.87
CA GLU A 131 -35.74 -9.79 35.41
C GLU A 131 -36.22 -8.41 35.78
N ASP A 132 -35.34 -7.44 35.85
CA ASP A 132 -35.73 -6.12 36.30
C ASP A 132 -35.19 -5.15 35.27
N THR A 133 -36.07 -4.29 34.79
CA THR A 133 -35.82 -3.45 33.62
C THR A 133 -35.56 -1.96 33.92
N GLU A 134 -35.84 -1.57 35.16
CA GLU A 134 -36.08 -0.19 35.51
C GLU A 134 -35.33 0.35 36.72
N THR A 135 -35.09 -0.47 37.74
CA THR A 135 -34.46 -0.02 38.98
C THR A 135 -33.07 0.54 38.73
N PRO A 136 -32.86 1.84 39.01
CA PRO A 136 -31.50 2.33 38.75
C PRO A 136 -30.46 1.60 39.58
N ILE A 137 -29.31 1.38 38.96
CA ILE A 137 -28.23 0.69 39.60
C ILE A 137 -27.33 1.76 40.17
N ASP A 138 -27.02 1.58 41.45
CA ASP A 138 -26.23 2.51 42.22
C ASP A 138 -24.74 2.50 41.81
N THR A 139 -24.11 3.67 41.86
CA THR A 139 -22.67 3.80 41.57
C THR A 139 -21.92 4.51 42.69
N THR A 140 -20.63 4.24 42.79
CA THR A 140 -19.75 4.97 43.71
C THR A 140 -19.06 6.08 42.95
N ILE A 141 -18.82 7.21 43.62
CA ILE A 141 -18.05 8.28 43.02
C ILE A 141 -16.87 8.65 43.95
N MET A 142 -15.67 8.45 43.41
CA MET A 142 -14.40 8.64 44.09
C MET A 142 -13.55 9.62 43.30
N ALA A 143 -12.75 10.42 43.99
CA ALA A 143 -11.69 11.17 43.35
C ALA A 143 -10.61 10.20 42.86
N LYS A 144 -9.80 10.64 41.91
CA LYS A 144 -8.72 9.82 41.37
C LYS A 144 -7.40 10.47 41.78
N SER A 145 -6.48 9.64 42.29
CA SER A 145 -5.11 10.07 42.56
C SER A 145 -4.24 9.74 41.35
N GLU A 146 -3.82 10.77 40.64
CA GLU A 146 -2.89 10.61 39.55
C GLU A 146 -1.82 11.67 39.73
N VAL A 147 -0.57 11.32 39.44
CA VAL A 147 0.50 12.27 39.68
C VAL A 147 0.77 13.15 38.46
N PHE A 148 1.26 14.35 38.73
CA PHE A 148 1.52 15.32 37.72
C PHE A 148 2.72 16.15 38.11
N CYS A 149 3.16 16.97 37.18
CA CYS A 149 4.18 17.97 37.41
C CYS A 149 3.44 19.31 37.40
N VAL A 150 3.84 20.28 38.21
CA VAL A 150 3.08 21.55 38.27
C VAL A 150 3.15 22.36 36.98
N GLN A 151 2.27 23.35 36.87
CA GLN A 151 2.26 24.28 35.75
C GLN A 151 2.92 25.60 36.21
N PRO A 152 3.75 26.24 35.33
CA PRO A 152 4.12 27.65 35.54
C PRO A 152 2.98 28.66 35.21
N GLY A 156 -0.37 26.74 37.92
CA GLY A 156 -1.32 26.17 38.86
C GLY A 156 -1.22 24.64 39.00
N ARG A 157 -2.34 24.01 39.35
CA ARG A 157 -2.39 22.59 39.73
C ARG A 157 -3.75 21.97 39.37
N LYS A 158 -3.75 20.79 38.76
CA LYS A 158 -5.01 20.18 38.31
C LYS A 158 -5.85 19.60 39.46
N PRO A 159 -7.18 19.81 39.43
CA PRO A 159 -8.05 19.08 40.36
C PRO A 159 -8.18 17.62 39.95
N ALA A 160 -8.39 16.73 40.92
CA ALA A 160 -8.57 15.29 40.68
C ALA A 160 -9.66 14.98 39.67
N ARG A 161 -9.44 13.99 38.83
CA ARG A 161 -10.53 13.44 38.01
C ARG A 161 -11.37 12.50 38.86
N LEU A 162 -12.58 12.18 38.39
CA LEU A 162 -13.55 11.40 39.17
C LEU A 162 -13.97 10.12 38.47
N ILE A 163 -13.75 8.99 39.15
CA ILE A 163 -14.23 7.73 38.66
C ILE A 163 -15.66 7.52 39.18
N VAL A 164 -16.53 6.95 38.35
CA VAL A 164 -17.88 6.53 38.73
C VAL A 164 -18.04 5.08 38.30
N PHE A 165 -18.11 4.16 39.26
CA PHE A 165 -18.22 2.74 38.97
C PHE A 165 -19.29 2.04 39.82
N PRO A 166 -19.99 1.04 39.21
CA PRO A 166 -20.94 0.19 39.89
C PRO A 166 -20.23 -0.93 40.67
N ASP A 167 -20.99 -1.72 41.42
CA ASP A 167 -20.44 -2.71 42.31
C ASP A 167 -19.70 -3.83 41.57
N LEU A 168 -18.74 -4.45 42.24
CA LEU A 168 -17.99 -5.56 41.67
C LEU A 168 -18.88 -6.62 41.02
N GLY A 169 -19.95 -7.01 41.70
CA GLY A 169 -20.85 -8.06 41.18
C GLY A 169 -21.43 -7.69 39.83
N VAL A 170 -21.73 -6.41 39.68
CA VAL A 170 -22.25 -5.84 38.45
C VAL A 170 -21.20 -5.83 37.36
N ARG A 171 -19.99 -5.38 37.70
CA ARG A 171 -18.86 -5.34 36.76
C ARG A 171 -18.50 -6.72 36.18
N VAL A 172 -18.56 -7.76 36.99
CA VAL A 172 -18.39 -9.09 36.44
C VAL A 172 -19.48 -9.34 35.38
N CYS A 173 -20.74 -9.13 35.75
CA CYS A 173 -21.87 -9.33 34.80
C CYS A 173 -21.73 -8.56 33.47
N GLU A 174 -21.21 -7.34 33.54
CA GLU A 174 -20.90 -6.55 32.36
C GLU A 174 -20.01 -7.34 31.41
N LYS A 175 -18.99 -7.98 31.97
CA LYS A 175 -18.04 -8.74 31.16
C LYS A 175 -18.75 -9.91 30.53
N MET A 176 -19.55 -10.64 31.31
CA MET A 176 -20.30 -11.80 30.81
C MET A 176 -21.16 -11.49 29.60
N ALA A 177 -21.72 -10.29 29.56
CA ALA A 177 -22.68 -9.93 28.50
C ALA A 177 -22.10 -9.01 27.45
N LEU A 178 -20.91 -8.43 27.71
CA LEU A 178 -20.36 -7.42 26.82
C LEU A 178 -18.87 -7.54 26.40
N TYR A 179 -18.04 -8.31 27.10
CA TYR A 179 -16.61 -8.39 26.72
C TYR A 179 -16.44 -8.67 25.23
N ASP A 180 -17.11 -9.71 24.73
CA ASP A 180 -16.94 -10.10 23.35
C ASP A 180 -17.48 -9.07 22.37
N VAL A 181 -18.46 -8.29 22.79
CA VAL A 181 -18.99 -7.20 21.96
C VAL A 181 -17.99 -6.07 21.88
N VAL A 182 -17.57 -5.63 23.06
CA VAL A 182 -16.78 -4.43 23.22
C VAL A 182 -15.38 -4.65 22.63
N SER A 183 -14.87 -5.87 22.72
CA SER A 183 -13.65 -6.25 22.02
C SER A 183 -13.76 -6.38 20.49
N THR A 184 -14.97 -6.47 19.92
CA THR A 184 -15.14 -6.89 18.50
C THR A 184 -15.88 -5.88 17.59
N LEU A 185 -16.89 -5.22 18.14
CA LEU A 185 -17.77 -4.35 17.37
C LEU A 185 -17.15 -3.04 16.89
N PRO A 186 -16.35 -2.38 17.74
CA PRO A 186 -15.73 -1.14 17.27
C PRO A 186 -14.88 -1.29 16.01
N GLN A 187 -14.16 -2.41 15.88
CA GLN A 187 -13.34 -2.64 14.68
C GLN A 187 -14.21 -2.95 13.47
N ALA A 188 -15.26 -3.74 13.68
CA ALA A 188 -16.22 -4.06 12.63
C ALA A 188 -16.90 -2.85 12.06
N VAL A 189 -17.09 -1.82 12.87
CA VAL A 189 -17.86 -0.65 12.46
C VAL A 189 -16.96 0.40 11.81
N MET A 190 -15.86 0.74 12.47
CA MET A 190 -14.98 1.83 12.00
C MET A 190 -13.75 1.34 11.22
N GLY A 191 -13.61 0.03 11.08
CA GLY A 191 -12.53 -0.53 10.31
C GLY A 191 -11.19 0.03 10.73
N SER A 192 -10.47 0.59 9.78
CA SER A 192 -9.12 1.07 10.06
C SER A 192 -9.08 2.33 10.92
N SER A 193 -10.24 2.94 11.19
CA SER A 193 -10.30 4.16 12.03
C SER A 193 -10.22 3.86 13.52
N TYR A 194 -10.34 2.58 13.86
CA TYR A 194 -10.42 2.21 15.25
C TYR A 194 -9.00 2.19 15.80
N GLY A 195 -8.70 3.23 16.57
CA GLY A 195 -7.37 3.47 17.16
C GLY A 195 -6.72 2.26 17.81
N PHE A 196 -7.48 1.61 18.70
CA PHE A 196 -6.93 0.57 19.61
C PHE A 196 -6.54 -0.77 18.96
N GLN A 197 -6.82 -0.95 17.68
CA GLN A 197 -6.33 -2.13 16.98
C GLN A 197 -4.82 -2.07 16.76
N TYR A 198 -4.29 -0.85 16.83
CA TYR A 198 -2.89 -0.57 16.49
C TYR A 198 -1.96 -0.55 17.69
N SER A 199 -0.79 -1.16 17.48
CA SER A 199 0.39 -0.99 18.31
C SER A 199 1.02 0.32 17.87
N PRO A 200 1.91 0.87 18.70
CA PRO A 200 2.58 2.14 18.35
C PRO A 200 3.22 2.13 16.94
N LYS A 201 4.02 1.12 16.64
CA LYS A 201 4.61 1.00 15.32
C LYS A 201 3.51 1.10 14.25
N GLN A 202 2.53 0.22 14.37
CA GLN A 202 1.38 0.20 13.47
C GLN A 202 0.69 1.56 13.34
N ARG A 203 0.52 2.28 14.44
CA ARG A 203 -0.12 3.60 14.39
C ARG A 203 0.66 4.60 13.55
N VAL A 204 1.98 4.55 13.66
CA VAL A 204 2.83 5.47 12.92
C VAL A 204 2.75 5.11 11.45
N GLU A 205 2.87 3.83 11.15
CA GLU A 205 2.70 3.34 9.78
C GLU A 205 1.45 3.93 9.18
N PHE A 206 0.33 3.87 9.92
CA PHE A 206 -0.95 4.37 9.44
C PHE A 206 -0.97 5.88 9.24
N LEU A 207 -0.42 6.62 10.20
CA LEU A 207 -0.44 8.09 10.14
C LEU A 207 0.49 8.61 9.04
N VAL A 208 1.62 7.94 8.89
CA VAL A 208 2.56 8.29 7.85
C VAL A 208 2.03 7.97 6.49
N ASN A 209 1.51 6.76 6.30
CA ASN A 209 0.89 6.38 5.03
C ASN A 209 -0.19 7.36 4.63
N THR A 210 -1.22 7.44 5.45
CA THR A 210 -2.32 8.37 5.25
C THR A 210 -1.78 9.72 4.79
N TRP A 211 -0.87 10.28 5.58
CA TRP A 211 -0.39 11.63 5.34
C TRP A 211 0.27 11.76 3.97
N LYS A 212 1.19 10.84 3.68
CA LYS A 212 1.92 10.81 2.41
C LYS A 212 1.03 10.43 1.19
N SER A 213 -0.12 9.84 1.44
CA SER A 213 -1.01 9.50 0.34
C SER A 213 -1.83 10.72 -0.08
N LYS A 214 -2.04 11.65 0.85
CA LYS A 214 -2.72 12.92 0.56
C LYS A 214 -1.96 13.72 -0.49
N LYS A 215 -2.71 14.27 -1.45
CA LYS A 215 -2.14 15.12 -2.51
C LYS A 215 -1.53 16.36 -1.88
N CYS A 216 -2.26 16.98 -0.97
CA CYS A 216 -1.73 18.07 -0.16
C CYS A 216 -2.28 18.09 1.28
N PRO A 217 -1.59 17.40 2.18
CA PRO A 217 -2.15 17.08 3.48
C PRO A 217 -2.30 18.23 4.47
N MET A 218 -3.45 18.27 5.10
CA MET A 218 -3.65 19.06 6.31
C MET A 218 -4.17 18.10 7.36
N GLY A 219 -3.73 18.28 8.60
CA GLY A 219 -4.19 17.46 9.69
C GLY A 219 -4.50 18.27 10.94
N PHE A 220 -5.44 17.79 11.75
CA PHE A 220 -5.70 18.36 13.07
C PHE A 220 -6.19 17.29 14.07
N SER A 221 -5.99 17.54 15.36
CA SER A 221 -6.64 16.75 16.39
C SER A 221 -7.71 17.63 16.99
N TYR A 222 -8.77 17.00 17.48
CA TYR A 222 -9.91 17.71 18.10
C TYR A 222 -10.10 17.25 19.55
N ASP A 223 -10.02 18.19 20.47
CA ASP A 223 -10.25 17.91 21.89
C ASP A 223 -11.58 18.52 22.37
N THR A 224 -12.45 17.68 22.95
CA THR A 224 -13.78 18.13 23.36
C THR A 224 -13.75 18.33 24.88
N ARG A 225 -14.51 19.32 25.35
CA ARG A 225 -14.46 19.80 26.75
C ARG A 225 -14.41 18.66 27.80
N CYS A 226 -15.54 18.03 28.14
CA CYS A 226 -15.50 16.81 28.98
C CYS A 226 -16.27 15.76 28.30
N PHE A 227 -15.60 14.97 27.48
CA PHE A 227 -16.31 14.01 26.68
C PHE A 227 -17.37 13.29 27.54
N ASP A 228 -17.01 12.80 28.72
CA ASP A 228 -17.98 12.02 29.49
C ASP A 228 -19.27 12.81 29.88
N SER A 229 -19.12 14.08 30.25
CA SER A 229 -20.26 14.91 30.68
C SER A 229 -21.07 15.45 29.49
N THR A 230 -20.41 15.60 28.35
CA THR A 230 -21.11 15.97 27.11
C THR A 230 -21.93 14.82 26.50
N VAL A 231 -21.63 13.57 26.85
CA VAL A 231 -22.42 12.43 26.38
C VAL A 231 -23.85 12.47 26.98
N THR A 232 -24.83 12.78 26.15
CA THR A 232 -26.23 12.80 26.58
C THR A 232 -26.79 11.38 26.60
N GLU A 233 -27.98 11.22 27.15
CA GLU A 233 -28.64 9.90 27.21
C GLU A 233 -29.12 9.44 25.82
N SER A 234 -29.43 10.40 24.97
CA SER A 234 -29.68 10.10 23.59
C SER A 234 -28.51 9.37 22.98
N ASP A 235 -27.28 9.84 23.23
CA ASP A 235 -26.04 9.25 22.65
C ASP A 235 -25.88 7.81 23.10
N ILE A 236 -26.23 7.59 24.36
CA ILE A 236 -26.05 6.33 25.06
C ILE A 236 -27.10 5.34 24.58
N ARG A 237 -28.26 5.84 24.22
CA ARG A 237 -29.25 5.03 23.54
C ARG A 237 -28.84 4.63 22.12
N VAL A 238 -28.37 5.58 21.32
CA VAL A 238 -27.87 5.32 19.97
C VAL A 238 -26.79 4.25 19.99
N GLU A 239 -25.93 4.33 20.99
CA GLU A 239 -24.86 3.38 21.20
C GLU A 239 -25.37 1.97 21.53
N GLU A 240 -26.44 1.93 22.32
CA GLU A 240 -27.19 0.69 22.54
C GLU A 240 -27.74 0.15 21.22
N SER A 241 -28.46 0.98 20.48
CA SER A 241 -29.11 0.52 19.26
C SER A 241 -28.10 -0.16 18.30
N ILE A 242 -26.86 0.31 18.32
CA ILE A 242 -25.80 -0.34 17.57
C ILE A 242 -25.48 -1.75 18.12
N TYR A 243 -25.21 -1.86 19.43
CA TYR A 243 -24.98 -3.18 20.07
C TYR A 243 -26.11 -4.17 19.73
N GLN A 244 -27.35 -3.66 19.68
CA GLN A 244 -28.50 -4.50 19.43
C GLN A 244 -28.60 -4.98 17.98
N CYS A 245 -27.73 -4.51 17.08
CA CYS A 245 -27.69 -5.06 15.73
C CYS A 245 -26.93 -6.39 15.66
N CYS A 246 -26.23 -6.77 16.72
CA CYS A 246 -25.51 -8.04 16.76
C CYS A 246 -26.46 -9.19 17.05
N ASP A 247 -26.13 -10.37 16.53
CA ASP A 247 -26.66 -11.63 17.08
C ASP A 247 -26.11 -11.68 18.49
N LEU A 248 -26.99 -11.72 19.48
CA LEU A 248 -26.61 -11.91 20.89
C LEU A 248 -27.54 -12.95 21.44
N ALA A 249 -27.00 -13.89 22.21
CA ALA A 249 -27.83 -14.74 23.02
C ALA A 249 -28.90 -13.89 23.72
N PRO A 250 -30.03 -14.50 24.01
CA PRO A 250 -31.15 -13.73 24.56
C PRO A 250 -30.94 -13.15 26.00
N GLU A 251 -30.20 -13.87 26.84
CA GLU A 251 -29.80 -13.33 28.16
C GLU A 251 -28.94 -12.07 28.04
N ALA A 252 -28.08 -12.04 27.03
CA ALA A 252 -27.18 -10.89 26.80
C ALA A 252 -27.93 -9.69 26.24
N ARG A 253 -28.89 -9.98 25.38
CA ARG A 253 -29.65 -8.92 24.75
C ARG A 253 -30.41 -8.20 25.83
N GLN A 254 -31.03 -9.00 26.68
CA GLN A 254 -31.81 -8.53 27.82
C GLN A 254 -30.91 -7.85 28.84
N ALA A 255 -29.71 -8.37 29.01
CA ALA A 255 -28.73 -7.77 29.91
C ALA A 255 -28.27 -6.40 29.42
N ILE A 256 -27.87 -6.33 28.16
CA ILE A 256 -27.55 -5.05 27.55
C ILE A 256 -28.70 -4.05 27.70
N ARG A 257 -29.93 -4.53 27.59
CA ARG A 257 -31.08 -3.66 27.67
C ARG A 257 -31.26 -3.11 29.07
N SER A 258 -31.09 -3.97 30.08
CA SER A 258 -31.16 -3.55 31.47
C SER A 258 -29.99 -2.68 31.91
N LEU A 259 -28.77 -3.11 31.59
CA LEU A 259 -27.60 -2.31 31.88
C LEU A 259 -27.68 -0.88 31.30
N THR A 260 -28.21 -0.73 30.10
CA THR A 260 -28.39 0.61 29.53
C THR A 260 -29.37 1.48 30.31
N GLU A 261 -30.55 0.92 30.59
CA GLU A 261 -31.62 1.62 31.32
C GLU A 261 -31.26 1.92 32.73
N ARG A 262 -30.65 0.93 33.36
CA ARG A 262 -30.45 0.93 34.79
C ARG A 262 -29.17 1.60 35.14
N LEU A 263 -28.14 1.38 34.32
CA LEU A 263 -26.80 1.89 34.60
C LEU A 263 -26.28 2.98 33.64
N TYR A 264 -26.15 2.69 32.35
CA TYR A 264 -25.40 3.58 31.43
C TYR A 264 -26.08 4.93 31.10
N ILE A 265 -27.40 4.94 31.08
CA ILE A 265 -28.15 6.12 30.69
C ILE A 265 -28.03 7.21 31.78
N GLY A 266 -27.70 6.79 32.99
CA GLY A 266 -27.55 7.69 34.13
C GLY A 266 -27.85 6.93 35.41
N GLY A 267 -27.76 7.60 36.55
CA GLY A 267 -28.12 6.97 37.82
C GLY A 267 -27.58 7.61 39.09
N PRO A 268 -28.09 7.13 40.23
CA PRO A 268 -27.73 7.71 41.51
C PRO A 268 -26.28 7.48 41.90
N LEU A 269 -25.71 8.48 42.56
CA LEU A 269 -24.32 8.49 42.94
C LEU A 269 -24.22 8.49 44.47
N THR A 270 -23.38 7.58 44.99
CA THR A 270 -23.10 7.45 46.39
C THR A 270 -21.64 7.76 46.55
N ASN A 271 -21.25 8.33 47.69
CA ASN A 271 -19.85 8.57 47.98
C ASN A 271 -19.23 7.39 48.75
N SER A 272 -17.95 7.48 49.04
CA SER A 272 -17.30 6.47 49.89
C SER A 272 -18.06 6.14 51.21
N LYS A 273 -18.63 7.13 51.87
CA LYS A 273 -19.18 6.92 53.21
C LYS A 273 -20.62 6.38 53.19
N GLY A 274 -21.21 6.24 52.01
CA GLY A 274 -22.55 5.64 51.88
C GLY A 274 -23.66 6.64 51.62
N GLN A 275 -23.30 7.93 51.62
CA GLN A 275 -24.26 9.03 51.48
C GLN A 275 -24.75 9.22 50.04
N ASN A 276 -26.02 9.61 49.90
CA ASN A 276 -26.53 10.05 48.62
C ASN A 276 -25.75 11.27 48.20
N CYS A 277 -25.29 11.24 46.96
CA CYS A 277 -24.30 12.20 46.55
C CYS A 277 -24.78 13.14 45.46
N GLY A 278 -25.68 12.65 44.62
CA GLY A 278 -26.06 13.39 43.45
C GLY A 278 -26.68 12.45 42.45
N TYR A 279 -26.77 12.89 41.21
CA TYR A 279 -27.35 12.05 40.17
C TYR A 279 -26.61 12.27 38.86
N ARG A 280 -26.50 11.21 38.06
CA ARG A 280 -25.72 11.24 36.80
C ARG A 280 -26.61 11.11 35.58
N ARG A 281 -26.35 11.93 34.56
CA ARG A 281 -27.11 11.84 33.30
C ARG A 281 -26.25 11.70 32.04
N CYS A 282 -24.96 11.52 32.25
CA CYS A 282 -24.03 11.36 31.17
C CYS A 282 -23.29 10.03 31.35
N ARG A 283 -22.16 9.88 30.67
CA ARG A 283 -21.39 8.65 30.69
C ARG A 283 -20.75 8.38 32.06
N ALA A 284 -20.76 7.12 32.48
CA ALA A 284 -19.99 6.68 33.65
C ALA A 284 -18.59 6.32 33.20
N SER A 285 -17.60 6.84 33.93
CA SER A 285 -16.17 6.68 33.55
C SER A 285 -15.59 5.30 33.91
N GLY A 286 -16.36 4.50 34.65
CA GLY A 286 -15.86 3.25 35.21
C GLY A 286 -16.68 2.04 34.83
N VAL A 287 -17.08 1.96 33.56
CA VAL A 287 -17.83 0.81 33.07
C VAL A 287 -17.13 0.17 31.92
N LEU A 288 -17.56 -1.01 31.53
CA LEU A 288 -16.87 -1.77 30.49
C LEU A 288 -17.13 -1.17 29.12
N THR A 289 -18.22 -0.43 28.98
CA THR A 289 -18.60 0.16 27.70
C THR A 289 -18.18 1.62 27.59
N THR A 290 -17.39 2.16 28.51
CA THR A 290 -17.02 3.56 28.42
C THR A 290 -16.05 3.84 27.27
N SER A 291 -15.00 3.02 27.13
CA SER A 291 -14.03 3.22 26.03
C SER A 291 -14.71 3.00 24.68
N CYS A 292 -15.41 1.88 24.56
CA CYS A 292 -16.04 1.52 23.30
C CYS A 292 -17.16 2.47 22.92
N GLY A 293 -17.97 2.83 23.90
CA GLY A 293 -19.07 3.77 23.70
C GLY A 293 -18.56 5.12 23.26
N ASN A 294 -17.51 5.59 23.94
CA ASN A 294 -16.94 6.88 23.60
C ASN A 294 -16.41 6.84 22.20
N THR A 295 -15.50 5.91 21.96
CA THR A 295 -14.97 5.74 20.62
C THR A 295 -16.10 5.81 19.56
N LEU A 296 -17.21 5.13 19.79
CA LEU A 296 -18.32 5.12 18.83
C LEU A 296 -19.06 6.46 18.70
N THR A 297 -19.44 7.03 19.84
CA THR A 297 -20.14 8.33 19.86
C THR A 297 -19.30 9.36 19.11
N CYS A 298 -18.02 9.31 19.39
CA CYS A 298 -17.04 10.22 18.86
C CYS A 298 -16.87 10.11 17.34
N TYR A 299 -16.49 8.92 16.88
CA TYR A 299 -16.46 8.60 15.46
C TYR A 299 -17.71 9.11 14.70
N LEU A 300 -18.87 8.91 15.33
CA LEU A 300 -20.16 9.20 14.73
C LEU A 300 -20.34 10.69 14.57
N LYS A 301 -20.09 11.42 15.65
CA LYS A 301 -20.24 12.87 15.63
C LYS A 301 -19.23 13.50 14.66
N ALA A 302 -17.95 13.07 14.76
CA ALA A 302 -16.88 13.57 13.89
C ALA A 302 -17.08 13.31 12.39
N THR A 303 -17.66 12.15 12.08
CA THR A 303 -17.88 11.77 10.70
C THR A 303 -18.99 12.65 10.14
N ALA A 304 -20.08 12.82 10.90
CA ALA A 304 -21.17 13.79 10.53
C ALA A 304 -20.66 15.23 10.36
N ALA A 305 -19.85 15.71 11.29
CA ALA A 305 -19.32 17.07 11.22
C ALA A 305 -18.43 17.25 9.99
N CYS A 306 -17.63 16.23 9.69
CA CYS A 306 -16.83 16.20 8.45
C CYS A 306 -17.67 16.39 7.20
N ARG A 307 -18.83 15.76 7.16
CA ARG A 307 -19.72 15.98 6.04
C ARG A 307 -20.34 17.38 6.12
N ALA A 308 -20.85 17.74 7.29
CA ALA A 308 -21.37 19.08 7.47
C ALA A 308 -20.34 20.09 6.97
N ALA A 309 -19.10 19.93 7.41
CA ALA A 309 -18.05 20.90 7.09
C ALA A 309 -17.45 20.73 5.69
N LYS A 310 -17.96 19.77 4.91
CA LYS A 310 -17.48 19.56 3.55
C LYS A 310 -15.96 19.36 3.43
N LEU A 311 -15.37 18.62 4.36
CA LEU A 311 -13.93 18.29 4.31
C LEU A 311 -13.66 17.26 3.21
N GLN A 312 -12.54 17.37 2.49
CA GLN A 312 -12.26 16.45 1.37
C GLN A 312 -11.32 15.34 1.81
N ASP A 313 -11.58 14.12 1.32
CA ASP A 313 -10.82 12.89 1.65
C ASP A 313 -10.33 12.78 3.09
N CYS A 314 -11.27 12.79 4.02
CA CYS A 314 -10.94 12.68 5.44
C CYS A 314 -10.55 11.28 5.82
N THR A 315 -9.35 11.15 6.35
CA THR A 315 -9.01 9.96 7.08
C THR A 315 -8.96 10.35 8.55
N MET A 316 -9.52 9.51 9.40
CA MET A 316 -9.48 9.79 10.81
C MET A 316 -9.27 8.56 11.67
N LEU A 317 -8.65 8.80 12.81
CA LEU A 317 -8.26 7.76 13.74
C LEU A 317 -8.79 8.18 15.10
N VAL A 318 -9.53 7.28 15.77
CA VAL A 318 -10.28 7.59 16.99
C VAL A 318 -9.88 6.67 18.11
N ASN A 319 -9.48 7.22 19.26
CA ASN A 319 -9.27 6.42 20.52
C ASN A 319 -10.13 6.99 21.64
N GLY A 320 -11.29 6.40 21.90
CA GLY A 320 -12.23 7.00 22.85
C GLY A 320 -12.54 8.42 22.42
N ASP A 321 -12.27 9.38 23.29
CA ASP A 321 -12.49 10.81 22.99
C ASP A 321 -11.33 11.50 22.26
N ASP A 322 -10.26 10.78 21.95
CA ASP A 322 -9.12 11.38 21.27
C ASP A 322 -9.27 11.16 19.77
N LEU A 323 -9.29 12.27 19.01
CA LEU A 323 -9.60 12.25 17.56
C LEU A 323 -8.49 12.91 16.77
N VAL A 324 -8.10 12.29 15.66
CA VAL A 324 -7.22 12.94 14.70
C VAL A 324 -7.75 12.72 13.29
N VAL A 325 -7.58 13.73 12.45
CA VAL A 325 -8.15 13.77 11.12
C VAL A 325 -7.09 14.31 10.19
N ILE A 326 -6.87 13.64 9.07
CA ILE A 326 -5.94 14.07 8.03
C ILE A 326 -6.76 14.18 6.76
N CYS A 327 -6.47 15.17 5.91
CA CYS A 327 -7.28 15.38 4.69
C CYS A 327 -6.66 16.35 3.70
N GLU A 328 -7.37 16.60 2.61
CA GLU A 328 -6.87 17.47 1.57
C GLU A 328 -6.98 18.95 1.92
N SER A 329 -5.83 19.61 2.03
CA SER A 329 -5.81 21.07 2.18
C SER A 329 -6.41 21.78 0.95
N ALA A 330 -7.05 22.91 1.23
CA ALA A 330 -7.63 23.76 0.20
C ALA A 330 -7.06 25.16 0.30
N GLY A 331 -5.97 25.32 1.02
CA GLY A 331 -5.46 26.65 1.35
C GLY A 331 -5.72 27.03 2.81
N THR A 332 -4.89 27.92 3.33
CA THR A 332 -4.93 28.27 4.75
C THR A 332 -6.27 28.87 5.20
N GLN A 333 -6.78 29.88 4.47
CA GLN A 333 -8.07 30.53 4.81
C GLN A 333 -9.20 29.51 4.92
N GLU A 334 -9.37 28.74 3.85
CA GLU A 334 -10.52 27.84 3.72
C GLU A 334 -10.38 26.61 4.60
N ASP A 335 -9.15 26.28 4.96
CA ASP A 335 -8.90 25.21 5.95
C ASP A 335 -9.28 25.69 7.34
N ALA A 336 -8.86 26.91 7.69
CA ALA A 336 -9.30 27.57 8.88
C ALA A 336 -10.83 27.61 8.93
N ALA A 337 -11.44 28.14 7.86
CA ALA A 337 -12.90 28.23 7.76
C ALA A 337 -13.60 26.87 7.83
N ALA A 338 -13.04 25.86 7.19
CA ALA A 338 -13.60 24.51 7.28
C ALA A 338 -13.56 24.04 8.71
N LEU A 339 -12.42 24.17 9.37
CA LEU A 339 -12.29 23.81 10.79
C LEU A 339 -13.29 24.52 11.73
N ARG A 340 -13.47 25.82 11.51
CA ARG A 340 -14.53 26.58 12.19
C ARG A 340 -15.91 25.94 11.98
N ALA A 341 -16.23 25.56 10.75
CA ALA A 341 -17.49 24.86 10.45
C ALA A 341 -17.58 23.50 11.15
N PHE A 342 -16.45 22.78 11.21
CA PHE A 342 -16.44 21.43 11.78
C PHE A 342 -16.73 21.53 13.28
N THR A 343 -16.02 22.46 13.92
CA THR A 343 -16.20 22.73 15.33
C THR A 343 -17.67 23.06 15.65
N GLU A 344 -18.26 23.93 14.83
CA GLU A 344 -19.61 24.34 15.05
C GLU A 344 -20.59 23.18 14.80
N ALA A 345 -20.29 22.32 13.84
CA ALA A 345 -21.11 21.12 13.64
C ALA A 345 -21.01 20.21 14.86
N MET A 346 -19.79 20.06 15.38
CA MET A 346 -19.53 19.19 16.53
C MET A 346 -20.22 19.70 17.77
N THR A 347 -20.29 21.02 17.87
CA THR A 347 -20.89 21.68 19.03
C THR A 347 -22.39 21.45 19.09
N ARG A 348 -23.02 21.43 17.93
CA ARG A 348 -24.45 21.08 17.84
C ARG A 348 -24.75 19.63 18.25
N TYR A 349 -23.75 18.75 18.10
CA TYR A 349 -23.87 17.36 18.47
C TYR A 349 -23.52 17.09 19.92
N SER A 350 -23.32 18.14 20.71
CA SER A 350 -22.91 18.00 22.13
C SER A 350 -21.54 17.34 22.20
N ALA A 351 -20.62 17.92 21.45
CA ALA A 351 -19.20 17.61 21.52
C ALA A 351 -18.43 18.92 21.29
N PRO A 352 -18.63 19.94 22.16
CA PRO A 352 -17.93 21.22 22.05
C PRO A 352 -16.46 21.10 22.39
N PRO A 353 -15.63 21.97 21.79
CA PRO A 353 -14.19 21.83 21.86
C PRO A 353 -13.57 22.50 23.10
N GLY A 354 -12.52 21.91 23.66
CA GLY A 354 -11.79 22.57 24.74
C GLY A 354 -11.03 23.75 24.15
N ASP A 355 -9.80 23.48 23.74
CA ASP A 355 -9.02 24.40 22.91
C ASP A 355 -9.49 24.26 21.48
N PRO A 356 -9.62 25.39 20.76
CA PRO A 356 -10.06 25.31 19.37
C PRO A 356 -9.05 24.51 18.58
N PRO A 357 -9.51 23.61 17.69
CA PRO A 357 -8.59 22.75 16.95
C PRO A 357 -7.80 23.58 15.95
N GLN A 358 -6.57 23.14 15.68
CA GLN A 358 -5.59 23.92 14.93
C GLN A 358 -5.14 23.20 13.63
N PRO A 359 -5.35 23.84 12.45
CA PRO A 359 -4.83 23.21 11.22
C PRO A 359 -3.31 23.13 11.27
N GLU A 360 -2.79 22.02 10.79
CA GLU A 360 -1.38 21.67 10.93
C GLU A 360 -0.88 21.10 9.60
N TYR A 361 0.27 21.58 9.14
CA TYR A 361 0.74 21.22 7.80
C TYR A 361 1.97 20.32 7.79
N ASP A 362 2.40 19.91 8.98
CA ASP A 362 3.46 18.94 9.16
C ASP A 362 2.99 17.92 10.21
N LEU A 363 3.23 16.65 9.94
CA LEU A 363 2.71 15.58 10.78
C LEU A 363 3.39 15.53 12.16
N GLU A 364 4.65 15.93 12.22
CA GLU A 364 5.37 15.87 13.49
C GLU A 364 4.75 16.84 14.47
N LEU A 365 4.02 17.82 13.98
CA LEU A 365 3.46 18.87 14.82
C LEU A 365 2.10 18.54 15.38
N ILE A 366 1.57 17.39 14.94
CA ILE A 366 0.23 16.98 15.33
C ILE A 366 0.34 16.09 16.55
N THR A 367 -0.25 16.56 17.63
CA THR A 367 -0.23 15.84 18.89
C THR A 367 -1.63 15.29 19.16
N SER A 368 -1.66 14.01 19.53
CA SER A 368 -2.83 13.17 19.41
C SER A 368 -2.61 11.96 20.29
N CYS A 369 -3.51 11.71 21.24
CA CYS A 369 -3.30 10.73 22.31
C CYS A 369 -1.98 11.00 23.06
N SER A 370 -1.69 12.29 23.27
CA SER A 370 -0.49 12.81 23.95
C SER A 370 0.81 12.67 23.17
N SER A 371 0.73 12.18 21.94
CA SER A 371 1.91 11.69 21.26
C SER A 371 2.06 12.29 19.89
N ASN A 372 3.30 12.28 19.40
CA ASN A 372 3.56 12.63 18.01
C ASN A 372 4.57 11.70 17.38
N VAL A 373 4.52 11.65 16.05
CA VAL A 373 5.53 11.00 15.25
C VAL A 373 6.83 11.84 15.25
N SER A 374 7.98 11.17 15.31
CA SER A 374 9.29 11.83 15.12
C SER A 374 10.14 10.98 14.19
N VAL A 375 11.29 11.53 13.80
CA VAL A 375 12.23 10.80 12.95
C VAL A 375 13.55 10.58 13.63
N ALA A 376 14.12 9.42 13.38
CA ALA A 376 15.46 9.05 13.80
C ALA A 376 16.04 8.19 12.67
N HIS A 377 17.19 7.56 12.92
CA HIS A 377 17.81 6.66 11.95
C HIS A 377 18.11 5.30 12.56
N ASP A 378 17.77 4.25 11.83
CA ASP A 378 18.11 2.89 12.29
C ASP A 378 19.61 2.59 12.03
N ALA A 379 19.99 1.32 12.21
CA ALA A 379 21.39 0.90 12.08
C ALA A 379 21.91 1.10 10.65
N SER A 380 21.09 0.71 9.68
CA SER A 380 21.40 0.97 8.28
C SER A 380 21.62 2.46 7.98
N GLY A 381 20.88 3.34 8.65
CA GLY A 381 20.96 4.78 8.38
C GLY A 381 19.70 5.31 7.70
N LYS A 382 18.77 4.40 7.40
CA LYS A 382 17.45 4.75 6.93
C LYS A 382 16.72 5.62 7.96
N ARG A 383 16.03 6.66 7.49
CA ARG A 383 15.15 7.45 8.35
C ARG A 383 14.01 6.58 8.80
N VAL A 384 13.74 6.58 10.09
CA VAL A 384 12.69 5.73 10.65
C VAL A 384 11.76 6.57 11.54
N TYR A 385 10.45 6.48 11.29
CA TYR A 385 9.50 7.22 12.11
C TYR A 385 9.03 6.37 13.28
N TYR A 386 8.81 7.01 14.42
CA TYR A 386 8.40 6.33 15.65
C TYR A 386 7.52 7.27 16.46
N LEU A 387 6.79 6.72 17.44
CA LEU A 387 5.96 7.54 18.36
C LEU A 387 6.70 8.02 19.59
N THR A 388 6.51 9.28 19.92
CA THR A 388 7.07 9.84 21.15
C THR A 388 6.04 10.75 21.82
N ARG A 389 6.39 11.29 22.97
CA ARG A 389 5.56 12.28 23.65
C ARG A 389 6.47 13.15 24.49
N ASP A 390 5.91 14.14 25.17
CA ASP A 390 6.69 14.92 26.11
C ASP A 390 6.91 14.04 27.35
N PRO A 391 8.14 13.97 27.85
CA PRO A 391 8.36 12.99 28.90
C PRO A 391 8.04 13.47 30.31
N THR A 392 7.52 14.68 30.46
CA THR A 392 7.37 15.28 31.80
C THR A 392 6.51 14.41 32.71
N THR A 393 5.31 14.05 32.25
CA THR A 393 4.38 13.29 33.09
C THR A 393 4.87 11.86 33.29
N PRO A 394 5.27 11.17 32.20
CA PRO A 394 5.90 9.87 32.42
C PRO A 394 6.98 9.91 33.49
N LEU A 395 7.85 10.91 33.46
CA LEU A 395 8.99 10.92 34.41
C LEU A 395 8.56 11.14 35.86
N ALA A 396 7.63 12.08 36.06
CA ALA A 396 7.06 12.30 37.38
C ALA A 396 6.54 10.99 37.97
N ARG A 397 5.72 10.26 37.21
CA ARG A 397 5.15 8.99 37.66
C ARG A 397 6.15 7.89 37.91
N ALA A 398 7.27 7.96 37.18
CA ALA A 398 8.39 7.06 37.42
C ALA A 398 9.04 7.34 38.77
N ALA A 399 9.21 8.62 39.08
CA ALA A 399 9.74 9.04 40.36
C ALA A 399 8.78 8.71 41.49
N TRP A 400 7.48 8.77 41.21
CA TRP A 400 6.50 8.48 42.22
C TRP A 400 6.41 6.99 42.49
N GLU A 401 6.36 6.20 41.40
CA GLU A 401 6.37 4.74 41.52
C GLU A 401 7.68 4.18 42.10
N THR A 402 8.73 4.97 42.07
CA THR A 402 9.99 4.61 42.70
C THR A 402 9.91 4.73 44.23
N ALA A 403 9.41 5.86 44.72
CA ALA A 403 9.34 6.13 46.17
C ALA A 403 8.22 5.36 46.85
N ARG A 404 7.15 5.11 46.12
CA ARG A 404 5.99 4.42 46.65
C ARG A 404 5.60 3.20 45.80
N HIS A 405 5.28 2.12 46.51
CA HIS A 405 4.68 0.96 45.89
C HIS A 405 3.27 1.36 45.44
N THR A 406 2.98 1.11 44.17
CA THR A 406 1.69 1.40 43.57
C THR A 406 1.23 0.20 42.73
N PRO A 407 -0.09 0.00 42.59
CA PRO A 407 -0.62 -1.17 41.87
C PRO A 407 -0.53 -1.12 40.33
N ILE A 408 -0.30 0.04 39.74
CA ILE A 408 0.03 0.09 38.31
C ILE A 408 1.36 0.83 38.11
N ASN A 409 2.21 0.24 37.27
CA ASN A 409 3.53 0.76 37.02
C ASN A 409 3.54 1.41 35.65
N SER A 410 3.24 2.70 35.62
CA SER A 410 3.16 3.45 34.37
C SER A 410 4.49 3.51 33.62
N TRP A 411 5.59 3.43 34.36
CA TRP A 411 6.92 3.38 33.75
C TRP A 411 7.10 2.15 32.87
N LEU A 412 6.43 1.07 33.23
CA LEU A 412 6.53 -0.20 32.49
C LEU A 412 5.64 -0.17 31.26
N GLY A 413 4.52 0.52 31.35
CA GLY A 413 3.70 0.79 30.18
C GLY A 413 4.37 1.77 29.23
N ASN A 414 5.11 2.71 29.78
CA ASN A 414 5.79 3.70 28.98
C ASN A 414 7.05 3.13 28.33
N ILE A 415 7.74 2.23 29.02
CA ILE A 415 8.89 1.57 28.42
C ILE A 415 8.42 0.76 27.24
N ILE A 416 7.31 0.04 27.41
CA ILE A 416 6.81 -0.88 26.36
C ILE A 416 6.21 -0.10 25.18
N MET A 417 5.39 0.90 25.47
CA MET A 417 4.85 1.78 24.43
C MET A 417 5.89 2.70 23.75
N TYR A 418 6.80 3.28 24.53
CA TYR A 418 7.77 4.22 23.97
C TYR A 418 9.21 3.66 23.96
N ALA A 419 9.33 2.34 23.81
CA ALA A 419 10.64 1.69 23.81
C ALA A 419 11.68 2.34 22.91
N PRO A 420 11.27 2.86 21.73
CA PRO A 420 12.25 3.47 20.83
C PRO A 420 12.54 4.96 21.04
N THR A 421 11.95 5.56 22.07
CA THR A 421 12.21 6.98 22.36
C THR A 421 13.51 7.13 23.10
N LEU A 422 14.07 8.31 22.97
CA LEU A 422 15.32 8.66 23.62
C LEU A 422 15.18 8.57 25.13
N TRP A 423 14.09 9.15 25.65
CA TRP A 423 13.87 9.25 27.09
C TRP A 423 13.56 7.88 27.69
N ALA A 424 12.77 7.06 27.00
CA ALA A 424 12.53 5.69 27.47
C ALA A 424 13.82 4.86 27.59
N ARG A 425 14.70 5.00 26.61
CA ARG A 425 15.86 4.14 26.55
C ARG A 425 16.94 4.52 27.54
N MET A 426 17.29 5.80 27.55
CA MET A 426 18.40 6.28 28.37
C MET A 426 18.01 6.42 29.81
N ILE A 427 16.81 6.92 30.07
CA ILE A 427 16.41 7.19 31.45
C ILE A 427 15.61 6.05 32.01
N LEU A 428 14.47 5.79 31.42
CA LEU A 428 13.55 4.82 32.02
C LEU A 428 14.19 3.47 32.27
N MET A 429 14.68 2.84 31.21
CA MET A 429 15.31 1.52 31.35
C MET A 429 16.48 1.55 32.31
N THR A 430 17.44 2.43 32.05
CA THR A 430 18.60 2.64 32.92
C THR A 430 18.18 2.70 34.39
N HIS A 431 17.20 3.58 34.69
CA HIS A 431 16.76 3.78 36.06
C HIS A 431 16.22 2.50 36.70
N PHE A 432 15.24 1.87 36.07
CA PHE A 432 14.53 0.78 36.75
C PHE A 432 15.29 -0.53 36.80
N PHE A 433 16.13 -0.79 35.81
CA PHE A 433 16.96 -1.97 35.83
C PHE A 433 18.01 -1.85 36.91
N SER A 434 18.57 -0.66 37.06
CA SER A 434 19.42 -0.37 38.20
C SER A 434 18.71 -0.67 39.53
N ILE A 435 17.56 -0.04 39.76
CA ILE A 435 16.74 -0.27 40.97
C ILE A 435 16.42 -1.76 41.19
N LEU A 436 15.89 -2.43 40.17
CA LEU A 436 15.48 -3.83 40.31
C LEU A 436 16.69 -4.73 40.58
N LEU A 437 17.79 -4.43 39.88
CA LEU A 437 19.03 -5.16 40.02
C LEU A 437 19.58 -5.00 41.42
N ALA A 438 19.47 -3.78 41.96
CA ALA A 438 19.86 -3.51 43.35
C ALA A 438 19.17 -4.48 44.28
N GLN A 439 17.87 -4.63 44.11
CA GLN A 439 17.02 -5.32 45.06
C GLN A 439 16.80 -6.82 44.77
N GLU A 440 17.36 -7.30 43.67
CA GLU A 440 17.15 -8.67 43.18
C GLU A 440 15.69 -9.00 42.87
N GLN A 441 14.92 -8.04 42.38
CA GLN A 441 13.51 -8.27 42.09
C GLN A 441 13.29 -8.43 40.60
N LEU A 442 14.38 -8.69 39.87
CA LEU A 442 14.38 -8.63 38.41
C LEU A 442 13.49 -9.72 37.82
N GLU A 443 13.61 -10.93 38.38
CA GLU A 443 12.84 -12.07 37.93
C GLU A 443 11.35 -11.90 38.27
N LYS A 444 11.03 -10.96 39.16
CA LYS A 444 9.66 -10.82 39.67
C LYS A 444 8.72 -10.04 38.73
N ALA A 445 7.43 -10.42 38.75
CA ALA A 445 6.43 -9.82 37.86
C ALA A 445 5.85 -8.52 38.41
N LEU A 446 5.38 -7.67 37.50
CA LEU A 446 4.84 -6.35 37.84
C LEU A 446 3.62 -6.02 37.02
N ASP A 447 2.71 -5.25 37.59
CA ASP A 447 1.48 -4.87 36.89
C ASP A 447 1.56 -3.50 36.22
N CYS A 448 1.08 -3.44 34.98
CA CYS A 448 1.04 -2.21 34.21
C CYS A 448 -0.14 -2.31 33.27
N GLN A 449 -0.37 -1.30 32.44
CA GLN A 449 -1.49 -1.38 31.50
C GLN A 449 -1.32 -0.72 30.13
N ILE A 450 -1.82 -1.42 29.12
CA ILE A 450 -1.82 -0.93 27.75
C ILE A 450 -3.29 -0.76 27.35
N TYR A 451 -3.63 0.43 26.88
CA TYR A 451 -4.95 0.70 26.33
C TYR A 451 -6.08 0.38 27.33
N GLY A 452 -5.82 0.64 28.60
CA GLY A 452 -6.82 0.45 29.65
C GLY A 452 -6.86 -0.92 30.29
N ALA A 453 -6.39 -1.94 29.59
CA ALA A 453 -6.40 -3.31 30.11
C ALA A 453 -5.13 -3.56 30.89
N CYS A 454 -5.26 -4.33 31.95
CA CYS A 454 -4.19 -4.54 32.88
C CYS A 454 -3.40 -5.82 32.58
N TYR A 455 -2.07 -5.69 32.43
CA TYR A 455 -1.17 -6.82 32.14
C TYR A 455 -0.11 -7.04 33.23
N SER A 456 0.19 -8.31 33.53
CA SER A 456 1.30 -8.62 34.42
C SER A 456 2.52 -8.94 33.56
N ILE A 457 3.71 -8.49 33.94
CA ILE A 457 4.89 -8.62 33.07
C ILE A 457 6.19 -8.73 33.87
N GLU A 458 7.01 -9.72 33.55
CA GLU A 458 8.35 -9.81 34.14
C GLU A 458 9.24 -8.91 33.27
N PRO A 459 10.00 -8.00 33.91
CA PRO A 459 10.77 -7.01 33.13
C PRO A 459 11.86 -7.66 32.32
N LEU A 460 12.37 -8.79 32.80
CA LEU A 460 13.32 -9.62 32.07
C LEU A 460 12.82 -10.03 30.69
N ASP A 461 11.51 -10.11 30.52
CA ASP A 461 10.96 -10.37 29.21
C ASP A 461 10.82 -9.12 28.33
N LEU A 462 11.45 -8.00 28.71
CA LEU A 462 11.35 -6.77 27.92
C LEU A 462 12.04 -6.80 26.57
N PRO A 463 13.21 -7.45 26.49
CA PRO A 463 13.81 -7.57 25.18
C PRO A 463 12.88 -8.24 24.17
N GLN A 464 12.23 -9.33 24.59
CA GLN A 464 11.36 -10.15 23.71
C GLN A 464 10.08 -9.39 23.38
N ILE A 465 9.55 -8.64 24.34
CA ILE A 465 8.30 -7.93 24.13
C ILE A 465 8.55 -6.78 23.16
N ILE A 466 9.60 -6.01 23.41
CA ILE A 466 9.94 -4.90 22.54
C ILE A 466 10.17 -5.36 21.09
N GLU A 467 10.90 -6.46 20.92
CA GLU A 467 11.16 -7.00 19.57
C GLU A 467 9.86 -7.25 18.81
N ARG A 468 8.90 -7.92 19.45
CA ARG A 468 7.62 -8.24 18.80
C ARG A 468 6.74 -7.05 18.49
N LEU A 469 6.77 -6.01 19.33
CA LEU A 469 5.95 -4.81 19.09
C LEU A 469 6.63 -3.85 18.11
N HIS A 470 7.93 -3.64 18.30
CA HIS A 470 8.70 -2.59 17.60
C HIS A 470 9.77 -3.12 16.64
N GLY A 471 10.28 -4.33 16.89
CA GLY A 471 11.34 -4.92 16.06
C GLY A 471 12.70 -4.34 16.39
N LEU A 472 13.75 -5.13 16.17
CA LEU A 472 15.14 -4.79 16.56
C LEU A 472 15.54 -3.33 16.32
N SER A 473 14.99 -2.73 15.28
CA SER A 473 15.11 -1.29 15.06
C SER A 473 15.09 -0.48 16.36
N ALA A 474 14.22 -0.84 17.30
CA ALA A 474 14.09 -0.09 18.57
C ALA A 474 15.37 -0.09 19.42
N PHE A 475 16.19 -1.13 19.27
CA PHE A 475 17.46 -1.24 19.97
C PHE A 475 18.62 -0.50 19.29
N THR A 476 18.34 0.15 18.17
CA THR A 476 19.40 0.76 17.38
C THR A 476 19.05 2.10 16.77
N LEU A 477 17.86 2.63 17.06
CA LEU A 477 17.54 3.96 16.57
C LEU A 477 18.61 4.88 17.11
N HIS A 478 18.99 5.84 16.29
CA HIS A 478 19.98 6.83 16.72
C HIS A 478 19.76 8.11 15.94
N SER A 479 20.54 9.13 16.27
CA SER A 479 20.53 10.33 15.50
C SER A 479 19.11 10.86 15.53
N TYR A 480 18.64 11.17 16.73
CA TYR A 480 17.28 11.70 16.88
C TYR A 480 17.20 13.13 16.37
N SER A 481 15.99 13.62 16.16
CA SER A 481 15.84 15.01 15.72
C SER A 481 16.21 16.01 16.83
N PRO A 482 16.50 17.27 16.43
CA PRO A 482 16.90 18.28 17.42
C PRO A 482 15.74 18.75 18.28
N GLY A 483 14.54 18.76 17.70
CA GLY A 483 13.33 19.10 18.43
C GLY A 483 13.12 18.14 19.56
N GLU A 484 13.21 16.85 19.25
CA GLU A 484 13.01 15.81 20.25
C GLU A 484 14.06 15.89 21.35
N ILE A 485 15.31 16.06 20.95
CA ILE A 485 16.40 16.17 21.91
C ILE A 485 16.21 17.43 22.75
N ASN A 486 15.91 18.55 22.09
CA ASN A 486 15.63 19.78 22.83
C ASN A 486 14.49 19.61 23.82
N ARG A 487 13.37 19.03 23.40
CA ARG A 487 12.22 18.88 24.30
C ARG A 487 12.64 18.06 25.51
N VAL A 488 13.23 16.90 25.23
CA VAL A 488 13.68 16.04 26.28
C VAL A 488 14.60 16.80 27.25
N ALA A 489 15.53 17.56 26.67
CA ALA A 489 16.54 18.25 27.45
C ALA A 489 15.94 19.38 28.29
N SER A 490 15.05 20.17 27.71
CA SER A 490 14.36 21.23 28.45
C SER A 490 13.53 20.62 29.58
N CYS A 491 12.99 19.45 29.32
CA CYS A 491 12.19 18.78 30.30
C CYS A 491 13.04 18.28 31.47
N LEU A 492 14.21 17.72 31.18
CA LEU A 492 15.12 17.27 32.26
C LEU A 492 15.54 18.40 33.20
N ARG A 493 15.67 19.62 32.67
CA ARG A 493 16.08 20.76 33.47
C ARG A 493 14.91 21.24 34.31
N LYS A 494 13.77 21.44 33.66
CA LYS A 494 12.51 21.75 34.37
C LYS A 494 12.44 20.87 35.64
N LEU A 495 12.56 19.56 35.46
CA LEU A 495 12.31 18.60 36.53
C LEU A 495 13.51 18.34 37.45
N GLY A 496 14.69 18.84 37.12
CA GLY A 496 15.89 18.46 37.88
C GLY A 496 16.27 16.99 37.70
N VAL A 497 15.91 16.41 36.56
CA VAL A 497 16.37 15.09 36.20
C VAL A 497 17.79 15.24 35.68
N PRO A 498 18.74 14.43 36.20
CA PRO A 498 20.14 14.52 35.73
C PRO A 498 20.29 14.33 34.21
N PRO A 499 21.30 14.99 33.61
CA PRO A 499 21.39 15.05 32.13
C PRO A 499 21.81 13.74 31.51
N LEU A 500 21.45 13.56 30.24
CA LEU A 500 21.62 12.31 29.49
C LEU A 500 23.02 11.73 29.56
N ARG A 501 24.00 12.62 29.48
CA ARG A 501 25.42 12.35 29.79
C ARG A 501 25.56 11.37 30.99
N THR A 502 24.96 11.78 32.10
CA THR A 502 24.92 11.02 33.33
C THR A 502 24.25 9.66 33.11
N TRP A 503 23.16 9.65 32.37
CA TRP A 503 22.42 8.41 32.15
C TRP A 503 23.22 7.39 31.33
N ARG A 504 23.99 7.88 30.37
CA ARG A 504 24.87 7.02 29.60
C ARG A 504 25.88 6.37 30.51
N HIS A 505 26.44 7.15 31.44
CA HIS A 505 27.46 6.61 32.35
C HIS A 505 26.82 5.50 33.22
N ARG A 506 25.63 5.77 33.74
CA ARG A 506 24.88 4.78 34.53
C ARG A 506 24.58 3.53 33.73
N ALA A 507 24.10 3.72 32.50
CA ALA A 507 23.69 2.63 31.64
C ALA A 507 24.83 1.67 31.42
N ARG A 508 26.03 2.20 31.23
CA ARG A 508 27.21 1.36 31.05
C ARG A 508 27.42 0.42 32.21
N SER A 509 27.06 0.89 33.40
CA SER A 509 27.24 0.13 34.62
C SER A 509 26.12 -0.89 34.81
N VAL A 510 24.88 -0.48 34.62
CA VAL A 510 23.80 -1.46 34.58
C VAL A 510 24.17 -2.52 33.55
N ARG A 511 24.46 -2.08 32.33
CA ARG A 511 24.73 -2.97 31.24
C ARG A 511 25.77 -4.01 31.63
N ALA A 512 26.89 -3.57 32.19
CA ALA A 512 27.96 -4.51 32.63
C ALA A 512 27.45 -5.52 33.65
N LYS A 513 26.72 -5.03 34.66
CA LYS A 513 26.22 -5.86 35.74
C LYS A 513 25.19 -6.91 35.27
N LEU A 514 24.28 -6.54 34.38
CA LEU A 514 23.34 -7.53 33.81
C LEU A 514 24.09 -8.66 33.10
N LEU A 515 25.13 -8.28 32.36
CA LEU A 515 25.85 -9.22 31.52
C LEU A 515 26.48 -10.29 32.35
N SER A 516 27.05 -9.91 33.50
CA SER A 516 27.64 -10.88 34.43
C SER A 516 26.62 -11.93 34.92
N GLN A 517 25.36 -11.55 35.02
CA GLN A 517 24.32 -12.45 35.50
C GLN A 517 24.02 -13.63 34.58
N GLY A 518 24.25 -13.46 33.28
CA GLY A 518 23.98 -14.55 32.33
C GLY A 518 22.49 -14.81 32.15
N GLY A 519 22.16 -15.66 31.19
CA GLY A 519 20.77 -15.96 30.85
C GLY A 519 19.98 -14.74 30.40
N ARG A 520 18.71 -14.70 30.81
CA ARG A 520 17.77 -13.63 30.43
C ARG A 520 18.23 -12.22 30.82
N ALA A 521 18.92 -12.10 31.95
CA ALA A 521 19.43 -10.81 32.39
C ALA A 521 20.50 -10.33 31.44
N ALA A 522 21.44 -11.21 31.10
CA ALA A 522 22.48 -10.84 30.15
C ALA A 522 21.86 -10.39 28.83
N THR A 523 20.71 -10.96 28.46
CA THR A 523 20.00 -10.56 27.24
C THR A 523 19.46 -9.16 27.34
N CYS A 524 18.85 -8.81 28.48
CA CYS A 524 18.47 -7.41 28.74
C CYS A 524 19.67 -6.51 28.51
N GLY A 525 20.80 -6.89 29.08
CA GLY A 525 22.02 -6.10 28.96
C GLY A 525 22.46 -5.82 27.54
N ARG A 526 22.48 -6.85 26.69
CA ARG A 526 22.96 -6.72 25.29
C ARG A 526 22.09 -5.86 24.40
N TYR A 527 20.78 -6.02 24.56
CA TYR A 527 19.83 -5.42 23.64
C TYR A 527 19.45 -4.02 24.08
N LEU A 528 18.99 -3.92 25.33
CA LEU A 528 18.49 -2.67 25.84
C LEU A 528 19.58 -1.59 25.87
N PHE A 529 20.84 -2.00 26.05
CA PHE A 529 21.91 -1.03 26.33
C PHE A 529 23.05 -0.99 25.31
N ASN A 530 22.82 -1.58 24.14
CA ASN A 530 23.78 -1.50 23.05
C ASN A 530 24.06 -0.07 22.64
N TRP A 531 23.14 0.84 22.92
CA TRP A 531 23.35 2.28 22.69
C TRP A 531 24.37 2.93 23.62
N ALA A 532 24.69 2.29 24.75
CA ALA A 532 25.59 2.88 25.74
C ALA A 532 27.07 2.69 25.37
N VAL A 533 27.36 1.72 24.51
CA VAL A 533 28.74 1.39 24.16
C VAL A 533 29.07 1.79 22.73
N ARG A 534 30.35 2.05 22.45
CA ARG A 534 30.83 2.36 21.09
C ARG A 534 31.09 1.05 20.34
N THR A 535 31.84 0.16 20.99
CA THR A 535 32.06 -1.18 20.49
C THR A 535 30.74 -1.91 20.68
N LYS A 536 29.85 -1.76 19.70
CA LYS A 536 28.49 -2.26 19.80
C LYS A 536 28.38 -3.73 19.40
N LEU A 537 27.44 -4.42 20.03
CA LEU A 537 27.20 -5.83 19.78
C LEU A 537 26.22 -5.98 18.62
N LYS A 538 26.34 -7.09 17.90
CA LYS A 538 25.51 -7.36 16.74
C LYS A 538 24.21 -7.95 17.26
N LEU A 539 23.08 -7.44 16.80
CA LEU A 539 21.80 -7.81 17.39
C LEU A 539 20.93 -8.56 16.42
N THR A 540 20.99 -9.87 16.52
CA THR A 540 20.14 -10.78 15.79
C THR A 540 18.86 -11.02 16.61
N PRO A 541 17.83 -11.55 15.97
CA PRO A 541 16.57 -11.82 16.65
C PRO A 541 16.66 -12.75 17.86
N ILE A 542 15.66 -12.70 18.72
CA ILE A 542 15.62 -13.52 19.93
C ILE A 542 14.62 -14.65 19.76
N PRO A 543 15.12 -15.87 19.48
CA PRO A 543 14.25 -17.01 19.21
C PRO A 543 13.04 -17.11 20.16
N ALA A 544 13.32 -16.99 21.46
CA ALA A 544 12.29 -17.05 22.50
C ALA A 544 11.09 -16.14 22.21
N ALA A 545 11.32 -15.01 21.54
CA ALA A 545 10.26 -14.02 21.33
C ALA A 545 9.07 -14.45 20.44
N SER A 546 8.92 -15.75 20.13
CA SER A 546 7.79 -16.23 19.30
C SER A 546 6.73 -16.97 20.08
N LEU A 550 2.03 -12.41 23.39
CA LEU A 550 0.78 -13.12 23.21
C LEU A 550 -0.34 -12.28 22.56
N SER A 551 -1.39 -13.01 22.17
CA SER A 551 -2.34 -12.57 21.13
C SER A 551 -2.97 -11.18 21.35
N GLY A 552 -4.01 -11.10 22.18
CA GLY A 552 -4.84 -9.89 22.27
C GLY A 552 -4.21 -8.75 23.04
N TRP A 553 -3.24 -8.08 22.45
CA TRP A 553 -2.58 -6.95 23.11
C TRP A 553 -2.98 -5.59 22.53
N PHE A 554 -3.38 -5.59 21.26
CA PHE A 554 -3.83 -4.39 20.60
C PHE A 554 -5.03 -4.79 19.77
N VAL A 555 -6.09 -5.14 20.50
CA VAL A 555 -7.35 -5.49 19.93
C VAL A 555 -8.36 -4.37 20.18
N ALA A 556 -8.57 -4.03 21.44
CA ALA A 556 -9.54 -3.01 21.81
C ALA A 556 -9.03 -2.22 23.01
N GLY A 557 -9.76 -1.18 23.39
CA GLY A 557 -9.41 -0.35 24.54
C GLY A 557 -10.40 -0.55 25.65
N TYR A 558 -9.92 -0.86 26.85
CA TYR A 558 -10.81 -1.19 27.96
C TYR A 558 -10.70 -0.20 29.11
N SER A 559 -10.46 1.08 28.80
CA SER A 559 -10.31 2.12 29.83
C SER A 559 -11.57 2.25 30.67
N GLY A 560 -11.41 2.17 31.99
CA GLY A 560 -12.55 2.23 32.90
C GLY A 560 -13.23 0.89 33.13
N GLY A 561 -13.03 -0.06 32.21
CA GLY A 561 -13.51 -1.42 32.40
C GLY A 561 -12.73 -2.01 33.55
N ASP A 562 -12.92 -3.29 33.82
CA ASP A 562 -12.34 -3.88 35.01
C ASP A 562 -11.51 -5.08 34.55
N ILE A 563 -10.52 -4.81 33.69
CA ILE A 563 -9.94 -5.86 32.80
C ILE A 563 -8.48 -6.26 33.10
N TYR A 564 -8.23 -7.58 33.12
CA TYR A 564 -6.93 -8.16 33.53
C TYR A 564 -6.46 -9.28 32.61
N HIS A 565 -5.13 -9.44 32.48
CA HIS A 565 -4.52 -10.49 31.67
C HIS A 565 -3.24 -11.00 32.31
N SER A 566 -3.27 -12.25 32.78
CA SER A 566 -2.09 -12.86 33.45
C SER A 566 -1.09 -13.38 32.41
N SER B 4 0.91 15.08 -48.36
CA SER B 4 -0.27 14.16 -48.32
C SER B 4 -0.83 14.02 -46.90
N MET B 5 -2.12 13.71 -46.81
CA MET B 5 -2.78 13.51 -45.54
C MET B 5 -2.65 12.06 -45.09
N SER B 6 -2.43 11.86 -43.80
CA SER B 6 -2.34 10.53 -43.23
C SER B 6 -3.69 9.79 -43.31
N TYR B 7 -4.78 10.55 -43.21
CA TYR B 7 -6.14 10.04 -43.28
C TYR B 7 -7.12 11.05 -43.89
N THR B 8 -8.16 10.51 -44.52
CA THR B 8 -9.32 11.26 -44.99
C THR B 8 -10.56 10.61 -44.41
N TRP B 9 -11.48 11.41 -43.88
CA TRP B 9 -12.65 10.86 -43.20
C TRP B 9 -13.92 11.18 -43.96
N THR B 10 -14.85 10.25 -43.98
CA THR B 10 -16.11 10.44 -44.64
C THR B 10 -17.15 11.07 -43.71
N GLY B 11 -17.06 10.77 -42.42
CA GLY B 11 -18.13 11.13 -41.47
C GLY B 11 -18.67 9.94 -40.70
N ALA B 12 -18.50 8.73 -41.23
CA ALA B 12 -18.94 7.49 -40.55
C ALA B 12 -18.13 7.28 -39.29
N LEU B 13 -18.74 6.64 -38.30
CA LEU B 13 -18.14 6.47 -36.98
C LEU B 13 -17.33 5.19 -36.88
N ILE B 14 -16.31 5.25 -36.04
CA ILE B 14 -15.56 4.06 -35.66
C ILE B 14 -16.48 3.38 -34.66
N THR B 15 -17.09 2.28 -35.06
CA THR B 15 -18.12 1.67 -34.23
C THR B 15 -17.56 0.61 -33.26
N PRO B 16 -18.24 0.40 -32.12
CA PRO B 16 -17.80 -0.66 -31.25
C PRO B 16 -18.13 -2.00 -31.87
N CYS B 17 -17.74 -3.06 -31.18
CA CYS B 17 -17.91 -4.41 -31.67
C CYS B 17 -18.79 -5.26 -30.78
N ALA B 18 -18.65 -5.06 -29.47
CA ALA B 18 -19.60 -5.52 -28.47
C ALA B 18 -19.90 -4.29 -27.59
N ALA B 19 -20.51 -4.49 -26.43
CA ALA B 19 -20.53 -3.45 -25.40
C ALA B 19 -19.12 -3.34 -24.85
N GLU B 20 -18.79 -2.16 -24.34
CA GLU B 20 -17.45 -1.90 -23.80
C GLU B 20 -17.60 -1.36 -22.38
N GLU B 21 -16.78 -1.88 -21.47
CA GLU B 21 -16.70 -1.35 -20.12
C GLU B 21 -15.62 -0.31 -20.13
N SER B 22 -15.85 0.84 -19.49
CA SER B 22 -14.79 1.80 -19.28
C SER B 22 -14.29 1.70 -17.86
N LYS B 23 -15.21 1.65 -16.91
CA LYS B 23 -14.84 1.63 -15.51
C LYS B 23 -14.71 0.21 -14.97
N LEU B 24 -13.96 0.13 -13.87
CA LEU B 24 -13.60 -1.11 -13.22
C LEU B 24 -14.73 -1.51 -12.24
N PRO B 25 -15.29 -2.72 -12.38
CA PRO B 25 -16.32 -3.14 -11.42
C PRO B 25 -15.79 -3.38 -9.99
N ILE B 26 -16.58 -2.99 -8.99
CA ILE B 26 -16.22 -3.26 -7.59
C ILE B 26 -16.35 -4.77 -7.29
N ASN B 27 -15.28 -5.48 -7.58
CA ASN B 27 -15.18 -6.91 -7.33
C ASN B 27 -14.43 -7.10 -5.99
N PRO B 28 -14.87 -8.06 -5.15
CA PRO B 28 -14.12 -8.49 -3.94
C PRO B 28 -12.58 -8.60 -4.07
N LEU B 29 -12.09 -9.34 -5.07
CA LEU B 29 -10.64 -9.61 -5.23
C LEU B 29 -9.82 -8.56 -6.00
N SER B 30 -10.50 -7.90 -6.93
CA SER B 30 -10.00 -6.68 -7.54
C SER B 30 -9.69 -5.69 -6.43
N ASN B 31 -10.73 -5.37 -5.66
CA ASN B 31 -10.65 -4.46 -4.51
C ASN B 31 -9.50 -4.80 -3.54
N SER B 32 -9.21 -6.09 -3.42
CA SER B 32 -8.03 -6.56 -2.67
C SER B 32 -6.73 -5.96 -3.21
N LEU B 33 -6.61 -5.95 -4.54
CA LEU B 33 -5.41 -5.41 -5.16
C LEU B 33 -5.31 -3.90 -4.95
N LEU B 34 -6.40 -3.20 -5.27
CA LEU B 34 -6.40 -1.76 -5.45
C LEU B 34 -7.75 -1.18 -4.97
N ARG B 35 -7.70 -0.24 -4.03
CA ARG B 35 -8.93 0.28 -3.42
C ARG B 35 -9.49 1.55 -4.09
N HIS B 36 -8.70 2.21 -4.94
CA HIS B 36 -9.20 3.36 -5.72
C HIS B 36 -9.72 2.98 -7.13
N HIS B 37 -10.75 2.14 -7.22
CA HIS B 37 -11.20 1.63 -8.53
C HIS B 37 -11.37 2.74 -9.59
N ASN B 38 -11.91 3.88 -9.17
CA ASN B 38 -12.15 5.02 -10.05
C ASN B 38 -10.90 5.55 -10.76
N MET B 39 -9.73 5.40 -10.14
CA MET B 39 -8.43 5.71 -10.79
C MET B 39 -8.27 5.01 -12.14
N VAL B 40 -8.79 3.79 -12.23
CA VAL B 40 -8.64 2.94 -13.40
C VAL B 40 -9.72 3.23 -14.44
N TYR B 41 -9.33 3.20 -15.72
CA TYR B 41 -10.30 3.23 -16.82
C TYR B 41 -9.82 2.45 -18.06
N ALA B 42 -10.75 1.75 -18.71
CA ALA B 42 -10.55 1.23 -20.07
C ALA B 42 -10.98 2.26 -21.12
N THR B 43 -10.25 2.31 -22.23
CA THR B 43 -10.59 3.17 -23.38
C THR B 43 -11.64 2.48 -24.23
N THR B 44 -12.62 3.25 -24.71
CA THR B 44 -13.66 2.70 -25.58
C THR B 44 -13.65 3.41 -26.93
N SER B 45 -14.58 3.03 -27.80
CA SER B 45 -14.80 3.72 -29.07
C SER B 45 -15.47 5.08 -28.90
N ARG B 46 -15.97 5.40 -27.70
CA ARG B 46 -16.50 6.73 -27.45
C ARG B 46 -15.40 7.79 -27.54
N SER B 47 -14.15 7.43 -27.24
CA SER B 47 -13.04 8.41 -27.29
C SER B 47 -12.33 8.48 -28.65
N ALA B 48 -12.77 7.66 -29.60
CA ALA B 48 -12.05 7.55 -30.87
C ALA B 48 -11.89 8.88 -31.65
N SER B 49 -12.94 9.69 -31.74
CA SER B 49 -12.90 10.88 -32.60
C SER B 49 -11.78 11.84 -32.18
N LEU B 50 -11.46 11.83 -30.88
CA LEU B 50 -10.36 12.63 -30.37
C LEU B 50 -9.02 12.16 -30.97
N ARG B 51 -8.85 10.83 -31.03
CA ARG B 51 -7.66 10.21 -31.60
C ARG B 51 -7.54 10.52 -33.09
N GLN B 52 -8.64 10.37 -33.81
CA GLN B 52 -8.68 10.70 -35.24
C GLN B 52 -8.09 12.11 -35.45
N LYS B 53 -8.55 13.09 -34.69
CA LYS B 53 -7.89 14.39 -34.71
C LYS B 53 -6.36 14.31 -34.52
N LYS B 54 -5.91 13.65 -33.47
CA LYS B 54 -4.47 13.58 -33.14
C LYS B 54 -3.64 12.99 -34.26
N VAL B 55 -4.26 12.17 -35.08
CA VAL B 55 -3.60 11.27 -36.02
C VAL B 55 -3.69 11.77 -37.49
N THR B 56 -4.63 12.66 -37.74
CA THR B 56 -4.84 13.17 -39.08
C THR B 56 -4.00 14.42 -39.28
N PHE B 57 -3.00 14.34 -40.16
CA PHE B 57 -2.21 15.51 -40.56
C PHE B 57 -1.48 15.32 -41.88
N ASP B 58 -0.94 16.43 -42.39
CA ASP B 58 -0.11 16.44 -43.58
C ASP B 58 1.34 16.18 -43.18
N ARG B 59 2.06 15.44 -44.02
CA ARG B 59 3.48 15.20 -43.81
C ARG B 59 4.26 15.71 -45.00
N LEU B 60 5.43 16.24 -44.74
CA LEU B 60 6.30 16.74 -45.81
C LEU B 60 7.68 16.11 -45.52
N GLN B 61 8.30 15.62 -46.58
CA GLN B 61 9.51 14.84 -46.42
C GLN B 61 10.55 15.34 -47.40
N VAL B 62 11.69 15.76 -46.87
CA VAL B 62 12.80 16.16 -47.70
C VAL B 62 14.01 15.33 -47.35
N LEU B 63 14.45 14.50 -48.29
CA LEU B 63 15.59 13.60 -48.06
C LEU B 63 16.89 14.17 -48.65
N ASP B 64 18.02 13.62 -48.18
CA ASP B 64 19.34 14.14 -48.54
C ASP B 64 20.36 12.98 -48.69
N ASP B 65 21.65 13.29 -48.84
CA ASP B 65 22.65 12.26 -49.14
C ASP B 65 22.84 11.29 -48.00
N HIS B 66 22.59 11.75 -46.78
CA HIS B 66 22.78 10.91 -45.59
C HIS B 66 21.73 9.82 -45.54
N TYR B 67 20.50 10.18 -45.90
CA TYR B 67 19.41 9.21 -45.99
C TYR B 67 19.70 8.15 -47.06
N ARG B 68 20.21 8.58 -48.19
CA ARG B 68 20.48 7.68 -49.30
C ARG B 68 21.68 6.77 -49.05
N ASP B 69 22.76 7.33 -48.53
CA ASP B 69 23.95 6.52 -48.24
C ASP B 69 23.57 5.41 -47.26
N VAL B 70 22.78 5.76 -46.25
CA VAL B 70 22.36 4.80 -45.24
C VAL B 70 21.43 3.77 -45.85
N LEU B 71 20.54 4.23 -46.72
CA LEU B 71 19.61 3.33 -47.38
C LEU B 71 20.39 2.30 -48.15
N LYS B 72 21.30 2.75 -49.00
CA LYS B 72 22.19 1.86 -49.73
C LYS B 72 22.92 0.84 -48.83
N GLU B 73 23.48 1.30 -47.71
CA GLU B 73 24.16 0.39 -46.79
C GLU B 73 23.25 -0.68 -46.19
N MET B 74 22.01 -0.32 -45.91
CA MET B 74 21.05 -1.29 -45.35
C MET B 74 20.65 -2.32 -46.39
N LYS B 75 20.31 -1.87 -47.60
CA LYS B 75 19.96 -2.76 -48.72
C LYS B 75 21.06 -3.80 -49.00
N ALA B 76 22.31 -3.33 -49.00
CA ALA B 76 23.47 -4.18 -49.17
C ALA B 76 23.45 -5.41 -48.27
N LYS B 77 23.20 -5.21 -46.97
CA LYS B 77 23.15 -6.30 -46.02
C LYS B 77 21.89 -7.17 -46.30
N ALA B 78 20.80 -6.56 -46.76
CA ALA B 78 19.59 -7.35 -47.11
C ALA B 78 19.85 -8.28 -48.30
N SER B 79 20.69 -7.84 -49.22
CA SER B 79 21.18 -8.67 -50.30
C SER B 79 21.65 -10.07 -49.85
N THR B 80 22.12 -10.22 -48.60
CA THR B 80 22.58 -11.55 -48.07
C THR B 80 21.48 -12.55 -47.77
N VAL B 81 20.26 -12.04 -47.53
CA VAL B 81 19.16 -12.85 -47.02
C VAL B 81 18.49 -13.63 -48.14
N LYS B 82 18.05 -14.85 -47.79
CA LYS B 82 17.20 -15.71 -48.63
C LYS B 82 16.02 -16.19 -47.79
N ALA B 83 14.82 -15.76 -48.14
CA ALA B 83 13.65 -16.03 -47.29
C ALA B 83 12.88 -17.23 -47.78
N LYS B 84 12.42 -18.06 -46.85
CA LYS B 84 11.55 -19.20 -47.17
C LYS B 84 10.09 -18.72 -47.33
N LEU B 85 9.32 -19.52 -48.05
CA LEU B 85 7.91 -19.25 -48.28
C LEU B 85 7.15 -20.29 -47.48
N LEU B 86 6.26 -19.85 -46.59
CA LEU B 86 5.61 -20.78 -45.70
C LEU B 86 4.53 -21.56 -46.42
N SER B 87 4.28 -22.77 -45.98
CA SER B 87 3.09 -23.50 -46.40
C SER B 87 1.87 -22.88 -45.70
N ILE B 88 0.69 -23.37 -46.04
CA ILE B 88 -0.54 -22.88 -45.42
C ILE B 88 -0.68 -23.49 -44.02
N GLU B 89 -0.54 -24.80 -43.98
CA GLU B 89 -0.45 -25.55 -42.74
C GLU B 89 0.42 -24.82 -41.73
N GLU B 90 1.62 -24.47 -42.14
CA GLU B 90 2.56 -23.74 -41.29
C GLU B 90 2.06 -22.37 -40.86
N ALA B 91 1.52 -21.61 -41.82
CA ALA B 91 1.04 -20.24 -41.56
C ALA B 91 -0.22 -20.21 -40.70
N CYS B 92 -1.00 -21.28 -40.76
CA CYS B 92 -2.22 -21.38 -39.97
C CYS B 92 -1.96 -21.67 -38.50
N LYS B 93 -0.93 -22.45 -38.20
CA LYS B 93 -0.57 -22.74 -36.82
C LYS B 93 -0.04 -21.50 -36.11
N LEU B 94 0.48 -20.54 -36.87
CA LEU B 94 0.95 -19.26 -36.33
C LEU B 94 -0.17 -18.27 -36.03
N THR B 95 -1.40 -18.75 -36.00
CA THR B 95 -2.55 -17.88 -35.89
C THR B 95 -3.12 -18.02 -34.48
N PRO B 96 -3.19 -16.91 -33.74
CA PRO B 96 -3.71 -17.01 -32.37
C PRO B 96 -5.15 -17.53 -32.34
N PRO B 97 -5.51 -18.35 -31.33
CA PRO B 97 -6.84 -18.95 -31.39
C PRO B 97 -7.99 -17.95 -31.32
N HIS B 98 -7.75 -16.74 -30.79
CA HIS B 98 -8.77 -15.70 -30.75
C HIS B 98 -8.47 -14.56 -31.70
N SER B 99 -7.89 -14.86 -32.86
CA SER B 99 -7.70 -13.85 -33.91
C SER B 99 -9.08 -13.49 -34.47
N ALA B 100 -9.22 -12.26 -35.00
CA ALA B 100 -10.52 -11.72 -35.45
C ALA B 100 -11.11 -12.50 -36.62
N LYS B 101 -12.36 -12.95 -36.47
CA LYS B 101 -13.02 -13.78 -37.49
C LYS B 101 -13.10 -13.06 -38.83
N SER B 102 -13.20 -13.86 -39.89
CA SER B 102 -13.27 -13.35 -41.26
C SER B 102 -14.72 -13.09 -41.65
N LYS B 103 -14.90 -12.18 -42.61
CA LYS B 103 -16.24 -11.87 -43.16
C LYS B 103 -16.83 -13.02 -44.00
N PHE B 104 -16.00 -13.99 -44.33
CA PHE B 104 -16.39 -15.09 -45.20
C PHE B 104 -16.75 -16.33 -44.41
N GLY B 105 -17.39 -16.16 -43.25
CA GLY B 105 -18.07 -17.25 -42.56
C GLY B 105 -17.16 -18.29 -41.94
N TYR B 106 -16.05 -17.83 -41.36
CA TYR B 106 -15.11 -18.73 -40.70
C TYR B 106 -14.21 -17.85 -39.83
N GLY B 107 -13.64 -18.46 -38.80
CA GLY B 107 -12.88 -17.71 -37.80
C GLY B 107 -11.62 -18.44 -37.42
N ALA B 108 -10.92 -17.96 -36.40
CA ALA B 108 -9.58 -18.44 -36.08
C ALA B 108 -9.55 -19.93 -35.81
N LYS B 109 -10.50 -20.43 -35.03
CA LYS B 109 -10.55 -21.87 -34.78
C LYS B 109 -10.40 -22.63 -36.09
N ASP B 110 -11.18 -22.22 -37.08
CA ASP B 110 -11.28 -22.87 -38.39
C ASP B 110 -10.01 -22.79 -39.23
N VAL B 111 -9.29 -21.67 -39.19
CA VAL B 111 -7.96 -21.57 -39.79
C VAL B 111 -7.01 -22.59 -39.17
N ARG B 112 -6.99 -22.62 -37.84
CA ARG B 112 -6.06 -23.46 -37.10
C ARG B 112 -6.30 -24.93 -37.40
N ASN B 113 -7.59 -25.29 -37.53
CA ASN B 113 -7.99 -26.67 -37.82
C ASN B 113 -7.98 -27.01 -39.32
N LEU B 114 -7.77 -26.00 -40.16
CA LEU B 114 -7.66 -26.18 -41.60
C LEU B 114 -9.01 -26.56 -42.22
N SER B 115 -10.03 -25.78 -41.85
CA SER B 115 -11.35 -25.88 -42.44
C SER B 115 -11.27 -25.64 -43.92
N SER B 116 -11.88 -26.52 -44.70
CA SER B 116 -11.90 -26.33 -46.15
C SER B 116 -12.34 -24.90 -46.50
N ARG B 117 -13.36 -24.38 -45.82
CA ARG B 117 -13.86 -23.03 -46.08
C ARG B 117 -12.78 -22.00 -45.85
N ALA B 118 -12.12 -22.09 -44.71
CA ALA B 118 -11.05 -21.17 -44.38
C ALA B 118 -9.92 -21.30 -45.37
N VAL B 119 -9.43 -22.52 -45.67
CA VAL B 119 -8.29 -22.62 -46.61
C VAL B 119 -8.71 -22.26 -48.04
N ASN B 120 -9.90 -22.65 -48.48
CA ASN B 120 -10.40 -22.18 -49.77
C ASN B 120 -10.30 -20.67 -49.85
N HIS B 121 -10.76 -19.97 -48.82
CA HIS B 121 -10.58 -18.52 -48.79
C HIS B 121 -9.10 -18.06 -48.84
N ILE B 122 -8.22 -18.79 -48.18
CA ILE B 122 -6.82 -18.40 -48.11
C ILE B 122 -6.10 -18.66 -49.41
N ARG B 123 -6.39 -19.78 -50.07
CA ARG B 123 -5.85 -20.04 -51.42
C ARG B 123 -6.36 -19.01 -52.40
N SER B 124 -7.65 -18.71 -52.34
CA SER B 124 -8.25 -17.71 -53.23
C SER B 124 -7.59 -16.35 -53.00
N VAL B 125 -7.36 -16.00 -51.75
CA VAL B 125 -6.81 -14.70 -51.40
C VAL B 125 -5.42 -14.58 -52.00
N TRP B 126 -4.73 -15.73 -52.04
CA TRP B 126 -3.33 -15.85 -52.43
C TRP B 126 -3.21 -15.81 -53.94
N GLU B 127 -4.00 -16.64 -54.62
CA GLU B 127 -4.15 -16.52 -56.08
C GLU B 127 -4.53 -15.09 -56.50
N ASP B 128 -5.38 -14.41 -55.74
CA ASP B 128 -5.77 -13.04 -56.10
C ASP B 128 -4.60 -12.05 -55.97
N LEU B 129 -3.68 -12.30 -55.04
CA LEU B 129 -2.43 -11.53 -54.94
C LEU B 129 -1.49 -11.71 -56.14
N LEU B 130 -1.55 -12.86 -56.80
CA LEU B 130 -0.75 -13.08 -58.01
C LEU B 130 -1.44 -12.49 -59.23
N GLU B 131 -2.77 -12.49 -59.22
CA GLU B 131 -3.59 -12.04 -60.36
C GLU B 131 -3.97 -10.55 -60.35
N ASP B 132 -3.86 -9.88 -59.20
CA ASP B 132 -4.23 -8.46 -59.11
C ASP B 132 -3.14 -7.67 -58.40
N THR B 133 -2.69 -6.61 -59.07
CA THR B 133 -1.52 -5.85 -58.64
C THR B 133 -1.80 -4.38 -58.24
N GLU B 134 -3.05 -3.93 -58.32
CA GLU B 134 -3.39 -2.53 -58.03
C GLU B 134 -4.64 -2.22 -57.16
N THR B 135 -5.70 -3.01 -57.26
CA THR B 135 -6.91 -2.79 -56.46
C THR B 135 -6.65 -2.66 -54.98
N PRO B 136 -6.96 -1.51 -54.39
CA PRO B 136 -6.79 -1.34 -52.94
C PRO B 136 -7.49 -2.41 -52.13
N ILE B 137 -6.77 -3.01 -51.19
CA ILE B 137 -7.36 -4.01 -50.29
C ILE B 137 -8.01 -3.32 -49.08
N ASP B 138 -9.14 -3.86 -48.63
CA ASP B 138 -9.90 -3.23 -47.58
C ASP B 138 -9.25 -3.41 -46.22
N THR B 139 -9.61 -2.56 -45.28
CA THR B 139 -9.20 -2.73 -43.89
C THR B 139 -10.28 -2.25 -42.95
N THR B 140 -10.40 -2.98 -41.85
CA THR B 140 -11.24 -2.60 -40.74
C THR B 140 -10.47 -1.67 -39.80
N ILE B 141 -11.19 -0.78 -39.14
CA ILE B 141 -10.60 0.12 -38.17
C ILE B 141 -11.44 0.04 -36.91
N MET B 142 -10.78 -0.20 -35.80
CA MET B 142 -11.39 -0.50 -34.53
C MET B 142 -10.69 0.35 -33.51
N ALA B 143 -11.43 0.88 -32.54
CA ALA B 143 -10.80 1.44 -31.35
C ALA B 143 -10.33 0.27 -30.48
N LYS B 144 -9.04 0.28 -30.14
CA LYS B 144 -8.46 -0.77 -29.36
C LYS B 144 -8.72 -0.40 -27.91
N SER B 145 -9.09 -1.37 -27.09
CA SER B 145 -9.45 -1.06 -25.70
C SER B 145 -8.31 -1.37 -24.76
N GLU B 146 -7.79 -0.34 -24.11
CA GLU B 146 -6.61 -0.50 -23.30
C GLU B 146 -6.90 0.12 -21.97
N VAL B 147 -6.47 -0.54 -20.89
CA VAL B 147 -6.69 -0.02 -19.55
C VAL B 147 -5.50 0.82 -19.08
N PHE B 148 -5.79 1.82 -18.25
CA PHE B 148 -4.83 2.83 -17.84
C PHE B 148 -5.18 3.40 -16.49
N CYS B 149 -4.23 4.18 -15.98
CA CYS B 149 -4.43 4.97 -14.78
C CYS B 149 -4.59 6.41 -15.23
N VAL B 150 -5.49 7.14 -14.57
CA VAL B 150 -5.77 8.55 -14.89
C VAL B 150 -4.58 9.43 -14.54
N GLN B 151 -4.35 10.49 -15.33
CA GLN B 151 -3.20 11.40 -15.14
C GLN B 151 -3.65 12.76 -14.55
N PRO B 152 -2.71 13.58 -14.05
CA PRO B 152 -3.07 14.89 -13.48
C PRO B 152 -4.41 15.50 -13.95
N ARG B 157 -7.32 11.43 -18.86
CA ARG B 157 -7.77 10.35 -19.72
C ARG B 157 -7.24 10.41 -21.16
N LYS B 158 -6.57 9.35 -21.60
CA LYS B 158 -6.19 9.18 -23.02
C LYS B 158 -7.40 8.78 -23.88
N PRO B 159 -7.36 9.09 -25.19
CA PRO B 159 -8.30 8.53 -26.15
C PRO B 159 -7.87 7.16 -26.65
N ALA B 160 -8.81 6.31 -27.07
CA ALA B 160 -8.43 5.00 -27.59
C ALA B 160 -7.44 5.12 -28.74
N ARG B 161 -6.59 4.11 -28.89
CA ARG B 161 -5.75 4.00 -30.08
C ARG B 161 -6.53 3.27 -31.12
N LEU B 162 -6.02 3.29 -32.34
CA LEU B 162 -6.74 2.82 -33.50
C LEU B 162 -5.99 1.68 -34.16
N ILE B 163 -6.55 0.48 -34.06
CA ILE B 163 -5.97 -0.65 -34.75
C ILE B 163 -6.63 -0.74 -36.13
N VAL B 164 -5.80 -0.75 -37.18
CA VAL B 164 -6.27 -0.94 -38.56
C VAL B 164 -5.72 -2.22 -39.13
N PHE B 165 -6.61 -3.05 -39.67
CA PHE B 165 -6.25 -4.41 -40.11
C PHE B 165 -7.12 -5.05 -41.22
N PRO B 166 -6.51 -5.89 -42.07
CA PRO B 166 -7.19 -6.56 -43.16
C PRO B 166 -7.81 -7.84 -42.67
N ASP B 167 -8.50 -8.54 -43.56
CA ASP B 167 -9.22 -9.76 -43.22
C ASP B 167 -8.30 -10.93 -42.86
N LEU B 168 -8.79 -11.82 -42.01
CA LEU B 168 -8.09 -13.07 -41.61
C LEU B 168 -7.39 -13.77 -42.79
N GLY B 169 -8.14 -14.05 -43.85
CA GLY B 169 -7.58 -14.68 -45.03
C GLY B 169 -6.35 -13.94 -45.55
N VAL B 170 -6.38 -12.62 -45.50
CA VAL B 170 -5.22 -11.81 -45.91
C VAL B 170 -4.06 -11.97 -44.93
N ARG B 171 -4.35 -12.03 -43.63
CA ARG B 171 -3.30 -12.19 -42.63
C ARG B 171 -2.57 -13.52 -42.77
N VAL B 172 -3.29 -14.55 -43.16
CA VAL B 172 -2.65 -15.85 -43.38
C VAL B 172 -1.66 -15.76 -44.56
N CYS B 173 -1.94 -14.86 -45.50
CA CYS B 173 -1.14 -14.74 -46.73
C CYS B 173 0.05 -13.85 -46.52
N GLU B 174 -0.13 -12.81 -45.71
CA GLU B 174 1.01 -12.05 -45.20
C GLU B 174 2.03 -13.03 -44.62
N LYS B 175 1.57 -13.97 -43.81
CA LYS B 175 2.46 -14.88 -43.12
C LYS B 175 3.22 -15.81 -44.10
N MET B 176 2.55 -16.31 -45.13
CA MET B 176 3.24 -17.19 -46.08
C MET B 176 4.45 -16.47 -46.72
N ALA B 177 4.19 -15.30 -47.31
CA ALA B 177 5.23 -14.47 -47.95
C ALA B 177 6.27 -13.89 -46.98
N LEU B 178 5.81 -13.30 -45.88
CA LEU B 178 6.63 -12.40 -45.11
C LEU B 178 6.99 -12.82 -43.69
N TYR B 179 6.40 -13.89 -43.16
CA TYR B 179 6.77 -14.29 -41.81
C TYR B 179 8.28 -14.43 -41.71
N ASP B 180 8.86 -15.26 -42.56
CA ASP B 180 10.31 -15.55 -42.51
C ASP B 180 11.19 -14.30 -42.77
N VAL B 181 10.74 -13.42 -43.66
CA VAL B 181 11.44 -12.15 -43.91
C VAL B 181 11.43 -11.22 -42.70
N VAL B 182 10.26 -11.08 -42.09
CA VAL B 182 10.10 -10.24 -40.90
C VAL B 182 10.92 -10.78 -39.70
N SER B 183 11.04 -12.10 -39.60
CA SER B 183 11.80 -12.75 -38.56
C SER B 183 13.33 -12.66 -38.75
N THR B 184 13.78 -12.50 -39.98
CA THR B 184 15.18 -12.71 -40.36
C THR B 184 15.92 -11.47 -40.81
N LEU B 185 15.22 -10.54 -41.44
CA LEU B 185 15.89 -9.42 -42.07
C LEU B 185 16.34 -8.29 -41.13
N PRO B 186 15.47 -7.84 -40.21
CA PRO B 186 15.87 -6.82 -39.23
C PRO B 186 17.24 -7.08 -38.59
N GLN B 187 17.50 -8.34 -38.22
CA GLN B 187 18.79 -8.72 -37.66
C GLN B 187 19.89 -8.53 -38.68
N ALA B 188 19.61 -9.04 -39.88
CA ALA B 188 20.59 -9.09 -40.96
C ALA B 188 21.05 -7.70 -41.30
N VAL B 189 20.11 -6.77 -41.34
CA VAL B 189 20.45 -5.40 -41.71
C VAL B 189 21.06 -4.67 -40.53
N MET B 190 20.37 -4.65 -39.40
CA MET B 190 20.73 -3.73 -38.30
C MET B 190 21.67 -4.31 -37.27
N GLY B 191 21.90 -5.61 -37.30
CA GLY B 191 22.84 -6.24 -36.38
C GLY B 191 22.41 -6.16 -34.92
N SER B 192 23.30 -5.63 -34.09
CA SER B 192 23.06 -5.61 -32.65
C SER B 192 22.19 -4.42 -32.22
N SER B 193 21.81 -3.59 -33.20
CA SER B 193 20.95 -2.43 -32.97
C SER B 193 19.47 -2.79 -33.10
N TYR B 194 19.19 -4.04 -33.41
CA TYR B 194 17.82 -4.51 -33.48
C TYR B 194 17.51 -5.01 -32.09
N GLY B 195 16.55 -4.38 -31.44
CA GLY B 195 16.30 -4.59 -30.01
C GLY B 195 15.51 -5.83 -29.66
N PHE B 196 14.76 -6.38 -30.62
CA PHE B 196 13.88 -7.52 -30.38
C PHE B 196 14.60 -8.85 -30.31
N GLN B 197 15.92 -8.83 -30.53
CA GLN B 197 16.70 -10.04 -30.40
C GLN B 197 17.04 -10.38 -28.95
N TYR B 198 16.99 -9.37 -28.08
CA TYR B 198 17.45 -9.49 -26.69
C TYR B 198 16.30 -9.81 -25.73
N SER B 199 16.58 -10.66 -24.73
CA SER B 199 15.75 -10.76 -23.56
C SER B 199 15.99 -9.51 -22.71
N PRO B 200 15.13 -9.27 -21.71
CA PRO B 200 15.44 -8.16 -20.80
C PRO B 200 16.83 -8.24 -20.19
N LYS B 201 17.29 -9.46 -19.90
CA LYS B 201 18.62 -9.67 -19.34
C LYS B 201 19.72 -9.42 -20.36
N GLN B 202 19.46 -9.72 -21.62
CA GLN B 202 20.42 -9.50 -22.70
C GLN B 202 20.48 -8.04 -23.09
N ARG B 203 19.39 -7.34 -22.84
CA ARG B 203 19.28 -5.96 -23.25
C ARG B 203 20.10 -5.09 -22.30
N VAL B 204 19.85 -5.26 -21.01
CA VAL B 204 20.53 -4.45 -20.00
C VAL B 204 22.04 -4.57 -20.20
N GLU B 205 22.50 -5.79 -20.43
CA GLU B 205 23.90 -6.09 -20.72
C GLU B 205 24.40 -5.19 -21.84
N PHE B 206 23.72 -5.23 -22.97
CA PHE B 206 24.10 -4.46 -24.14
C PHE B 206 24.21 -2.98 -23.83
N LEU B 207 23.20 -2.42 -23.17
CA LEU B 207 23.24 -1.00 -22.80
C LEU B 207 24.42 -0.65 -21.90
N VAL B 208 24.59 -1.42 -20.82
CA VAL B 208 25.65 -1.16 -19.82
C VAL B 208 27.04 -1.28 -20.44
N ASN B 209 27.20 -2.28 -21.31
CA ASN B 209 28.44 -2.49 -22.02
C ASN B 209 28.67 -1.42 -23.07
N THR B 210 27.61 -1.02 -23.78
CA THR B 210 27.72 0.14 -24.69
C THR B 210 28.03 1.40 -23.89
N TRP B 211 27.37 1.53 -22.73
CA TRP B 211 27.57 2.71 -21.90
C TRP B 211 29.02 2.84 -21.38
N LYS B 212 29.64 1.73 -20.98
CA LYS B 212 31.00 1.73 -20.41
C LYS B 212 32.06 1.87 -21.51
N SER B 213 31.74 1.40 -22.71
CA SER B 213 32.64 1.48 -23.82
C SER B 213 32.87 2.91 -24.29
N LYS B 214 31.86 3.78 -24.17
CA LYS B 214 32.06 5.19 -24.50
C LYS B 214 33.08 5.84 -23.54
N LYS B 215 33.99 6.66 -24.08
CA LYS B 215 34.95 7.42 -23.25
C LYS B 215 34.19 8.30 -22.25
N CYS B 216 33.29 9.13 -22.78
CA CYS B 216 32.45 9.99 -21.97
C CYS B 216 30.99 9.94 -22.42
N PRO B 217 30.21 8.98 -21.88
CA PRO B 217 28.88 8.66 -22.41
C PRO B 217 27.80 9.73 -22.23
N MET B 218 27.08 9.98 -23.33
CA MET B 218 25.87 10.79 -23.35
C MET B 218 24.82 9.90 -24.00
N GLY B 219 23.58 9.98 -23.52
CA GLY B 219 22.53 9.10 -24.03
C GLY B 219 21.18 9.75 -23.95
N PHE B 220 20.30 9.34 -24.87
CA PHE B 220 18.95 9.89 -24.98
C PHE B 220 18.02 8.95 -25.75
N SER B 221 16.74 9.03 -25.43
CA SER B 221 15.74 8.34 -26.21
C SER B 221 15.05 9.36 -27.12
N TYR B 222 14.43 8.84 -28.16
CA TYR B 222 13.68 9.67 -29.08
C TYR B 222 12.34 8.98 -29.36
N ASP B 223 11.25 9.70 -29.08
CA ASP B 223 9.92 9.25 -29.42
C ASP B 223 9.31 10.26 -30.39
N THR B 224 8.73 9.74 -31.47
CA THR B 224 8.13 10.59 -32.48
C THR B 224 6.62 10.59 -32.21
N ARG B 225 6.00 11.72 -32.53
CA ARG B 225 4.56 11.89 -32.34
C ARG B 225 3.79 11.12 -33.44
N CYS B 226 3.12 10.03 -33.03
CA CYS B 226 2.35 9.16 -33.95
C CYS B 226 3.22 8.70 -35.09
N PHE B 227 4.17 7.84 -34.77
CA PHE B 227 5.07 7.30 -35.78
C PHE B 227 4.28 6.76 -36.97
N ASP B 228 3.25 5.96 -36.71
CA ASP B 228 2.53 5.32 -37.80
C ASP B 228 1.99 6.34 -38.79
N SER B 229 1.38 7.40 -38.27
CA SER B 229 0.84 8.49 -39.11
C SER B 229 1.93 9.28 -39.85
N THR B 230 3.14 9.35 -39.30
CA THR B 230 4.24 10.05 -40.01
C THR B 230 4.83 9.28 -41.19
N VAL B 231 4.68 7.96 -41.20
CA VAL B 231 5.23 7.09 -42.27
C VAL B 231 4.56 7.36 -43.63
N THR B 232 5.36 7.78 -44.61
CA THR B 232 4.87 8.18 -45.93
C THR B 232 4.71 7.03 -46.94
N GLU B 233 4.08 7.29 -48.07
CA GLU B 233 3.99 6.31 -49.15
C GLU B 233 5.43 5.92 -49.48
N SER B 234 6.25 6.96 -49.66
CA SER B 234 7.66 6.80 -49.95
C SER B 234 8.38 5.87 -48.96
N ASP B 235 8.17 6.09 -47.67
CA ASP B 235 8.75 5.24 -46.62
C ASP B 235 8.39 3.77 -46.76
N ILE B 236 7.11 3.51 -46.97
CA ILE B 236 6.63 2.15 -47.12
C ILE B 236 7.24 1.52 -48.37
N ARG B 237 7.47 2.34 -49.40
CA ARG B 237 8.07 1.86 -50.65
C ARG B 237 9.55 1.51 -50.50
N VAL B 238 10.29 2.44 -49.92
CA VAL B 238 11.69 2.25 -49.56
C VAL B 238 11.85 0.91 -48.82
N GLU B 239 10.95 0.66 -47.88
CA GLU B 239 10.94 -0.55 -47.09
C GLU B 239 10.81 -1.81 -47.97
N GLU B 240 9.83 -1.76 -48.88
CA GLU B 240 9.69 -2.80 -49.91
C GLU B 240 10.98 -3.01 -50.66
N SER B 241 11.68 -1.91 -50.93
CA SER B 241 12.89 -1.98 -51.69
C SER B 241 13.96 -2.75 -50.92
N ILE B 242 13.91 -2.71 -49.60
CA ILE B 242 14.81 -3.49 -48.78
C ILE B 242 14.38 -4.95 -48.78
N TYR B 243 13.07 -5.20 -48.83
CA TYR B 243 12.59 -6.57 -48.93
C TYR B 243 12.94 -7.20 -50.28
N GLN B 244 12.83 -6.45 -51.38
CA GLN B 244 13.05 -7.06 -52.70
C GLN B 244 14.50 -7.48 -52.89
N CYS B 245 15.40 -7.04 -52.00
CA CYS B 245 16.81 -7.48 -51.98
C CYS B 245 17.10 -8.92 -51.51
N CYS B 246 16.10 -9.60 -50.97
CA CYS B 246 16.31 -11.00 -50.54
C CYS B 246 16.06 -11.92 -51.69
N ASP B 247 16.56 -13.15 -51.58
CA ASP B 247 16.16 -14.21 -52.49
C ASP B 247 14.76 -14.63 -52.09
N LEU B 248 13.85 -14.62 -53.06
CA LEU B 248 12.44 -14.80 -52.78
C LEU B 248 11.83 -15.76 -53.77
N ALA B 249 11.04 -16.71 -53.26
CA ALA B 249 10.25 -17.56 -54.15
C ALA B 249 9.45 -16.63 -55.05
N PRO B 250 9.38 -16.94 -56.36
CA PRO B 250 8.72 -16.04 -57.31
C PRO B 250 7.35 -15.54 -56.80
N GLU B 251 6.52 -16.48 -56.37
CA GLU B 251 5.19 -16.18 -55.82
C GLU B 251 5.19 -15.27 -54.58
N ALA B 252 6.17 -15.46 -53.68
CA ALA B 252 6.39 -14.57 -52.54
C ALA B 252 6.74 -13.14 -52.97
N ARG B 253 7.56 -13.03 -54.02
CA ARG B 253 8.01 -11.75 -54.56
C ARG B 253 6.82 -10.94 -55.06
N GLN B 254 5.97 -11.59 -55.85
CA GLN B 254 4.77 -10.92 -56.35
C GLN B 254 3.80 -10.64 -55.21
N ALA B 255 3.74 -11.55 -54.26
CA ALA B 255 2.93 -11.36 -53.05
C ALA B 255 3.31 -10.07 -52.34
N ILE B 256 4.59 -9.87 -52.11
CA ILE B 256 5.07 -8.68 -51.41
C ILE B 256 4.86 -7.45 -52.27
N ARG B 257 5.05 -7.63 -53.57
CA ARG B 257 4.85 -6.55 -54.49
C ARG B 257 3.39 -6.09 -54.43
N SER B 258 2.46 -7.03 -54.53
CA SER B 258 1.05 -6.69 -54.53
C SER B 258 0.62 -6.13 -53.19
N LEU B 259 0.98 -6.83 -52.11
CA LEU B 259 0.62 -6.38 -50.77
C LEU B 259 1.14 -4.98 -50.48
N THR B 260 2.31 -4.62 -51.01
CA THR B 260 2.75 -3.23 -50.81
C THR B 260 1.80 -2.22 -51.50
N GLU B 261 1.46 -2.47 -52.76
CA GLU B 261 0.61 -1.55 -53.52
C GLU B 261 -0.80 -1.53 -53.01
N ARG B 262 -1.24 -2.69 -52.55
CA ARG B 262 -2.65 -2.92 -52.33
C ARG B 262 -3.11 -2.69 -50.91
N LEU B 263 -2.16 -2.65 -49.98
CA LEU B 263 -2.46 -2.71 -48.56
C LEU B 263 -1.56 -1.84 -47.70
N TYR B 264 -0.25 -1.88 -47.92
CA TYR B 264 0.70 -1.20 -47.04
C TYR B 264 0.76 0.30 -47.30
N ILE B 265 0.86 0.71 -48.57
CA ILE B 265 0.93 2.15 -48.89
C ILE B 265 -0.35 2.91 -48.54
N GLY B 266 -1.45 2.18 -48.38
CA GLY B 266 -2.71 2.83 -48.02
C GLY B 266 -3.92 2.11 -48.51
N GLY B 267 -5.09 2.75 -48.40
CA GLY B 267 -6.34 2.13 -48.81
C GLY B 267 -7.55 2.53 -47.98
N PRO B 268 -8.71 1.97 -48.33
CA PRO B 268 -9.99 2.31 -47.73
C PRO B 268 -10.19 1.73 -46.33
N LEU B 269 -10.80 2.50 -45.43
CA LEU B 269 -11.10 2.06 -44.07
C LEU B 269 -12.59 1.84 -43.83
N THR B 270 -12.92 0.70 -43.21
CA THR B 270 -14.31 0.31 -42.97
C THR B 270 -14.54 0.06 -41.47
N ASN B 271 -15.58 0.66 -40.90
CA ASN B 271 -15.95 0.36 -39.51
C ASN B 271 -16.57 -1.05 -39.36
N SER B 272 -16.84 -1.47 -38.13
CA SER B 272 -17.37 -2.81 -37.91
C SER B 272 -18.83 -2.97 -38.39
N LYS B 273 -19.54 -1.88 -38.67
CA LYS B 273 -20.90 -2.01 -39.24
C LYS B 273 -20.85 -1.97 -40.76
N GLY B 274 -19.69 -2.30 -41.33
CA GLY B 274 -19.52 -2.38 -42.77
C GLY B 274 -19.47 -1.05 -43.50
N GLN B 275 -19.59 0.08 -42.79
CA GLN B 275 -19.65 1.40 -43.43
C GLN B 275 -18.27 1.94 -43.75
N ASN B 276 -18.13 2.59 -44.90
CA ASN B 276 -16.88 3.19 -45.31
C ASN B 276 -16.43 4.42 -44.51
N CYS B 277 -15.49 4.22 -43.59
CA CYS B 277 -14.97 5.29 -42.73
C CYS B 277 -14.00 6.27 -43.40
N GLY B 278 -13.35 5.86 -44.48
CA GLY B 278 -12.51 6.80 -45.20
C GLY B 278 -11.27 6.21 -45.81
N TYR B 279 -10.12 6.79 -45.51
CA TYR B 279 -8.94 6.44 -46.26
C TYR B 279 -7.62 6.75 -45.60
N ARG B 280 -6.71 5.79 -45.69
CA ARG B 280 -5.46 5.83 -44.97
C ARG B 280 -4.31 5.90 -45.95
N ARG B 281 -3.37 6.80 -45.68
CA ARG B 281 -2.18 6.89 -46.50
C ARG B 281 -0.96 6.87 -45.62
N CYS B 282 -0.93 5.95 -44.69
CA CYS B 282 0.15 5.86 -43.74
C CYS B 282 0.22 4.43 -43.22
N ARG B 283 1.08 4.20 -42.23
CA ARG B 283 1.27 2.85 -41.73
C ARG B 283 -0.03 2.34 -41.15
N ALA B 284 -0.36 1.09 -41.47
CA ALA B 284 -1.45 0.38 -40.80
C ALA B 284 -0.86 -0.33 -39.60
N SER B 285 -1.57 -0.29 -38.48
CA SER B 285 -1.04 -0.79 -37.21
C SER B 285 -1.25 -2.29 -36.97
N GLY B 286 -2.04 -2.93 -37.82
CA GLY B 286 -2.41 -4.33 -37.60
C GLY B 286 -2.11 -5.16 -38.83
N VAL B 287 -0.89 -4.99 -39.33
CA VAL B 287 -0.32 -5.81 -40.38
C VAL B 287 0.98 -6.45 -39.88
N LEU B 288 1.41 -7.51 -40.54
CA LEU B 288 2.59 -8.28 -40.14
C LEU B 288 3.84 -7.44 -40.19
N THR B 289 3.90 -6.55 -41.17
CA THR B 289 5.08 -5.72 -41.42
C THR B 289 5.13 -4.46 -40.59
N THR B 290 4.12 -4.22 -39.75
CA THR B 290 4.08 -3.03 -38.91
C THR B 290 5.35 -2.91 -38.08
N SER B 291 5.60 -3.88 -37.21
CA SER B 291 6.76 -3.82 -36.34
C SER B 291 8.03 -3.69 -37.15
N CYS B 292 8.27 -4.69 -37.98
CA CYS B 292 9.46 -4.76 -38.79
C CYS B 292 9.68 -3.52 -39.66
N GLY B 293 8.66 -3.11 -40.39
CA GLY B 293 8.75 -1.88 -41.16
C GLY B 293 9.19 -0.69 -40.34
N ASN B 294 8.51 -0.47 -39.21
CA ASN B 294 8.79 0.66 -38.31
C ASN B 294 10.21 0.65 -37.82
N THR B 295 10.65 -0.52 -37.39
CA THR B 295 12.02 -0.72 -36.96
C THR B 295 13.05 -0.26 -38.01
N LEU B 296 12.87 -0.70 -39.27
CA LEU B 296 13.75 -0.26 -40.37
C LEU B 296 13.60 1.23 -40.68
N THR B 297 12.36 1.66 -40.89
CA THR B 297 12.07 3.07 -41.18
C THR B 297 12.70 3.98 -40.12
N CYS B 298 12.67 3.53 -38.87
CA CYS B 298 13.14 4.34 -37.77
C CYS B 298 14.66 4.29 -37.63
N TYR B 299 15.24 3.12 -37.83
CA TYR B 299 16.69 2.97 -37.90
C TYR B 299 17.29 3.83 -39.02
N LEU B 300 16.79 3.65 -40.24
CA LEU B 300 17.23 4.44 -41.39
C LEU B 300 17.28 5.95 -41.12
N LYS B 301 16.25 6.48 -40.46
CA LYS B 301 16.17 7.93 -40.25
C LYS B 301 17.09 8.39 -39.12
N ALA B 302 17.07 7.64 -38.02
CA ALA B 302 17.92 7.93 -36.89
C ALA B 302 19.40 7.80 -37.29
N THR B 303 19.71 6.78 -38.07
CA THR B 303 21.10 6.60 -38.53
C THR B 303 21.55 7.72 -39.50
N ALA B 304 20.67 8.16 -40.39
CA ALA B 304 20.98 9.33 -41.22
C ALA B 304 21.08 10.59 -40.35
N ALA B 305 20.19 10.73 -39.36
CA ALA B 305 20.10 11.96 -38.58
C ALA B 305 21.26 12.19 -37.60
N CYS B 306 22.01 11.15 -37.29
CA CYS B 306 23.24 11.31 -36.51
C CYS B 306 24.35 11.87 -37.36
N ARG B 307 24.34 11.52 -38.64
CA ARG B 307 25.34 12.02 -39.58
C ARG B 307 25.07 13.45 -39.90
N ALA B 308 23.80 13.77 -40.11
CA ALA B 308 23.38 15.13 -40.33
C ALA B 308 23.84 15.98 -39.16
N ALA B 309 23.70 15.43 -37.95
CA ALA B 309 24.01 16.16 -36.71
C ALA B 309 25.44 15.95 -36.21
N LYS B 310 26.19 15.08 -36.88
CA LYS B 310 27.63 14.90 -36.62
C LYS B 310 27.97 14.32 -35.22
N LEU B 311 27.18 13.36 -34.76
CA LEU B 311 27.35 12.78 -33.43
C LEU B 311 28.46 11.73 -33.40
N GLN B 312 29.18 11.68 -32.28
CA GLN B 312 30.39 10.89 -32.19
C GLN B 312 30.15 9.54 -31.54
N ASP B 313 30.66 8.48 -32.18
CA ASP B 313 30.62 7.11 -31.62
C ASP B 313 29.21 6.71 -31.26
N CYS B 314 28.30 6.85 -32.20
CA CYS B 314 26.90 6.55 -31.98
C CYS B 314 26.62 5.07 -31.96
N THR B 315 25.97 4.64 -30.89
CA THR B 315 25.38 3.32 -30.82
C THR B 315 23.90 3.56 -30.62
N MET B 316 23.05 2.94 -31.43
CA MET B 316 21.63 3.03 -31.17
C MET B 316 20.97 1.66 -31.16
N LEU B 317 19.90 1.59 -30.38
CA LEU B 317 19.09 0.39 -30.23
C LEU B 317 17.66 0.78 -30.60
N VAL B 318 16.98 -0.09 -31.35
CA VAL B 318 15.70 0.24 -31.95
C VAL B 318 14.66 -0.85 -31.76
N ASN B 319 13.49 -0.45 -31.29
CA ASN B 319 12.36 -1.36 -31.13
C ASN B 319 11.14 -0.67 -31.69
N GLY B 320 10.75 -1.05 -32.91
CA GLY B 320 9.68 -0.34 -33.62
C GLY B 320 10.00 1.15 -33.65
N ASP B 321 9.08 1.96 -33.14
CA ASP B 321 9.22 3.43 -33.12
C ASP B 321 9.98 3.94 -31.89
N ASP B 322 10.46 3.02 -31.07
CA ASP B 322 11.22 3.37 -29.88
C ASP B 322 12.70 3.22 -30.16
N LEU B 323 13.48 4.07 -29.51
CA LEU B 323 14.81 4.37 -29.96
C LEU B 323 15.63 5.00 -28.83
N VAL B 324 16.71 4.33 -28.45
CA VAL B 324 17.72 4.92 -27.61
C VAL B 324 19.03 5.02 -28.40
N VAL B 325 19.87 5.96 -28.03
CA VAL B 325 21.18 6.12 -28.63
C VAL B 325 22.17 6.64 -27.60
N ILE B 326 23.37 6.05 -27.61
CA ILE B 326 24.47 6.42 -26.72
C ILE B 326 25.66 6.89 -27.57
N CYS B 327 26.49 7.75 -27.00
CA CYS B 327 27.60 8.34 -27.77
C CYS B 327 28.52 9.21 -26.89
N GLU B 328 29.59 9.71 -27.49
CA GLU B 328 30.61 10.48 -26.77
C GLU B 328 30.16 11.92 -26.53
N SER B 329 30.21 12.37 -25.29
CA SER B 329 29.84 13.74 -24.98
C SER B 329 30.89 14.73 -25.47
N ALA B 330 30.44 15.93 -25.78
CA ALA B 330 31.30 17.01 -26.29
C ALA B 330 31.25 18.25 -25.40
N GLY B 331 30.61 18.13 -24.24
CA GLY B 331 30.22 19.29 -23.44
C GLY B 331 28.73 19.46 -23.58
N THR B 332 28.10 19.99 -22.53
CA THR B 332 26.64 20.11 -22.43
C THR B 332 26.03 20.95 -23.55
N GLN B 333 26.62 22.13 -23.76
CA GLN B 333 26.16 23.11 -24.74
C GLN B 333 26.18 22.50 -26.13
N GLU B 334 27.17 21.65 -26.39
CA GLU B 334 27.34 21.01 -27.69
C GLU B 334 26.36 19.85 -27.85
N ASP B 335 26.20 19.04 -26.82
CA ASP B 335 25.27 17.89 -26.86
C ASP B 335 23.83 18.39 -27.02
N ALA B 336 23.49 19.42 -26.22
CA ALA B 336 22.22 20.13 -26.37
C ALA B 336 22.04 20.69 -27.79
N ALA B 337 23.11 21.26 -28.35
CA ALA B 337 23.08 21.79 -29.72
C ALA B 337 22.96 20.69 -30.77
N ALA B 338 23.78 19.65 -30.61
CA ALA B 338 23.77 18.53 -31.55
C ALA B 338 22.43 17.84 -31.55
N LEU B 339 21.82 17.75 -30.38
CA LEU B 339 20.52 17.10 -30.24
C LEU B 339 19.42 17.93 -30.92
N ARG B 340 19.52 19.25 -30.82
CA ARG B 340 18.58 20.15 -31.53
C ARG B 340 18.67 19.98 -33.07
N ALA B 341 19.87 19.68 -33.56
CA ALA B 341 20.09 19.44 -34.98
C ALA B 341 19.55 18.08 -35.43
N PHE B 342 19.81 17.05 -34.64
CA PHE B 342 19.29 15.71 -34.89
C PHE B 342 17.77 15.75 -34.99
N THR B 343 17.14 16.29 -33.95
CA THR B 343 15.69 16.50 -33.96
C THR B 343 15.30 17.16 -35.27
N GLU B 344 16.00 18.22 -35.65
CA GLU B 344 15.65 18.92 -36.88
C GLU B 344 15.65 17.99 -38.06
N ALA B 345 16.70 17.19 -38.20
CA ALA B 345 16.81 16.26 -39.34
C ALA B 345 15.67 15.24 -39.35
N MET B 346 15.38 14.66 -38.19
CA MET B 346 14.25 13.74 -38.05
C MET B 346 12.97 14.40 -38.50
N THR B 347 12.81 15.67 -38.14
CA THR B 347 11.66 16.44 -38.57
C THR B 347 11.63 16.56 -40.10
N ARG B 348 12.78 16.77 -40.73
CA ARG B 348 12.88 16.82 -42.19
C ARG B 348 12.54 15.48 -42.85
N TYR B 349 12.82 14.38 -42.16
CA TYR B 349 12.39 13.05 -42.61
C TYR B 349 11.00 12.68 -42.10
N SER B 350 10.16 13.68 -41.83
CA SER B 350 8.82 13.51 -41.21
C SER B 350 8.79 12.48 -40.08
N ALA B 351 9.63 12.73 -39.08
CA ALA B 351 9.59 12.02 -37.78
C ALA B 351 9.83 13.04 -36.67
N PRO B 352 8.93 14.03 -36.57
CA PRO B 352 9.06 15.05 -35.56
C PRO B 352 8.69 14.46 -34.20
N PRO B 353 9.31 14.99 -33.13
CA PRO B 353 9.27 14.39 -31.81
C PRO B 353 7.94 14.62 -31.12
N GLY B 354 7.61 13.77 -30.15
CA GLY B 354 6.54 14.08 -29.23
C GLY B 354 7.01 15.24 -28.37
N ASP B 355 7.79 14.91 -27.36
CA ASP B 355 8.43 15.91 -26.53
C ASP B 355 9.91 15.87 -26.91
N PRO B 356 10.50 17.04 -27.24
CA PRO B 356 11.93 17.07 -27.56
C PRO B 356 12.77 16.24 -26.59
N PRO B 357 13.66 15.39 -27.12
CA PRO B 357 14.48 14.56 -26.23
C PRO B 357 15.49 15.45 -25.53
N GLN B 358 16.06 14.93 -24.44
CA GLN B 358 17.04 15.66 -23.64
C GLN B 358 18.21 14.77 -23.21
N PRO B 359 19.44 15.29 -23.33
CA PRO B 359 20.62 14.46 -23.16
C PRO B 359 20.83 14.00 -21.72
N GLU B 360 20.84 12.69 -21.52
CA GLU B 360 20.98 12.09 -20.19
C GLU B 360 22.42 11.60 -19.97
N TYR B 361 23.03 11.98 -18.83
CA TYR B 361 24.41 11.56 -18.49
C TYR B 361 24.46 10.46 -17.43
N ASP B 362 23.33 9.82 -17.20
CA ASP B 362 23.26 8.66 -16.33
C ASP B 362 22.42 7.58 -16.99
N LEU B 363 22.94 6.36 -17.02
CA LEU B 363 22.28 5.28 -17.75
C LEU B 363 20.95 4.92 -17.12
N GLU B 364 20.91 4.95 -15.79
CA GLU B 364 19.70 4.60 -15.04
C GLU B 364 18.56 5.60 -15.33
N LEU B 365 18.93 6.84 -15.64
CA LEU B 365 17.97 7.90 -15.94
C LEU B 365 17.34 7.75 -17.34
N ILE B 366 18.09 7.27 -18.32
CA ILE B 366 17.50 7.07 -19.64
C ILE B 366 16.35 6.10 -19.52
N THR B 367 15.20 6.49 -20.07
CA THR B 367 14.06 5.59 -20.12
C THR B 367 13.71 5.24 -21.58
N SER B 368 13.30 4.00 -21.78
CA SER B 368 13.42 3.38 -23.08
C SER B 368 12.53 2.13 -23.14
N CYS B 369 11.57 2.12 -24.08
CA CYS B 369 10.48 1.13 -24.10
C CYS B 369 9.84 1.06 -22.72
N SER B 370 9.43 2.24 -22.23
CA SER B 370 8.83 2.39 -20.90
C SER B 370 9.67 1.78 -19.77
N SER B 371 10.99 1.71 -19.97
CA SER B 371 11.85 1.01 -19.04
C SER B 371 13.19 1.68 -18.82
N ASN B 372 13.88 1.23 -17.78
CA ASN B 372 15.19 1.76 -17.42
C ASN B 372 16.00 0.69 -16.72
N VAL B 373 17.32 0.89 -16.64
CA VAL B 373 18.15 0.03 -15.83
C VAL B 373 18.08 0.53 -14.40
N SER B 374 18.06 -0.42 -13.47
CA SER B 374 18.25 -0.11 -12.06
C SER B 374 19.30 -1.06 -11.50
N VAL B 375 19.68 -0.82 -10.26
CA VAL B 375 20.78 -1.55 -9.66
C VAL B 375 20.27 -2.24 -8.41
N ALA B 376 20.83 -3.42 -8.16
CA ALA B 376 20.49 -4.21 -6.99
C ALA B 376 21.65 -5.16 -6.71
N HIS B 377 21.60 -5.86 -5.58
CA HIS B 377 22.64 -6.82 -5.23
C HIS B 377 22.02 -8.22 -5.25
N ASP B 378 22.74 -9.19 -5.79
CA ASP B 378 22.29 -10.59 -5.78
C ASP B 378 22.82 -11.28 -4.54
N ALA B 379 22.55 -12.58 -4.44
CA ALA B 379 22.85 -13.36 -3.23
C ALA B 379 24.30 -13.21 -2.73
N SER B 380 25.28 -13.20 -3.64
CA SER B 380 26.71 -13.13 -3.25
C SER B 380 27.20 -11.71 -2.92
N GLY B 381 26.32 -10.89 -2.32
CA GLY B 381 26.61 -9.49 -1.96
C GLY B 381 26.96 -8.58 -3.13
N LYS B 382 26.90 -9.12 -4.34
CA LYS B 382 27.51 -8.52 -5.51
C LYS B 382 26.47 -7.76 -6.33
N ARG B 383 26.86 -6.59 -6.82
CA ARG B 383 25.94 -5.69 -7.53
C ARG B 383 25.48 -6.27 -8.87
N VAL B 384 24.33 -5.78 -9.32
CA VAL B 384 23.63 -6.37 -10.45
C VAL B 384 22.73 -5.32 -11.11
N TYR B 385 22.63 -5.39 -12.44
CA TYR B 385 21.79 -4.50 -13.22
C TYR B 385 20.60 -5.25 -13.81
N TYR B 386 19.41 -4.68 -13.62
CA TYR B 386 18.18 -5.26 -14.12
C TYR B 386 17.27 -4.20 -14.75
N LEU B 387 16.46 -4.67 -15.69
CA LEU B 387 15.53 -3.82 -16.42
C LEU B 387 14.27 -3.72 -15.57
N THR B 388 13.81 -2.49 -15.31
CA THR B 388 12.62 -2.22 -14.49
C THR B 388 11.70 -1.19 -15.13
N ARG B 389 10.69 -0.77 -14.38
CA ARG B 389 9.57 -0.05 -14.95
C ARG B 389 8.85 0.79 -13.89
N ASP B 390 8.22 1.87 -14.32
CA ASP B 390 7.23 2.53 -13.49
C ASP B 390 6.09 1.53 -13.47
N PRO B 391 5.63 1.13 -12.26
CA PRO B 391 4.64 0.07 -12.12
C PRO B 391 3.17 0.49 -12.25
N THR B 392 2.89 1.79 -12.26
CA THR B 392 1.53 2.30 -12.41
C THR B 392 0.66 1.50 -13.39
N THR B 393 1.03 1.53 -14.66
CA THR B 393 0.21 0.92 -15.69
C THR B 393 0.06 -0.61 -15.52
N PRO B 394 1.17 -1.36 -15.34
CA PRO B 394 1.07 -2.77 -14.97
C PRO B 394 0.04 -3.09 -13.90
N LEU B 395 0.11 -2.37 -12.78
CA LEU B 395 -0.83 -2.58 -11.66
C LEU B 395 -2.29 -2.32 -12.02
N ALA B 396 -2.54 -1.23 -12.74
CA ALA B 396 -3.88 -0.95 -13.27
C ALA B 396 -4.44 -2.10 -14.13
N ARG B 397 -3.57 -2.82 -14.81
CA ARG B 397 -4.01 -3.93 -15.67
C ARG B 397 -4.17 -5.19 -14.84
N ALA B 398 -3.28 -5.40 -13.87
CA ALA B 398 -3.43 -6.51 -12.94
C ALA B 398 -4.81 -6.47 -12.28
N ALA B 399 -5.24 -5.28 -11.85
CA ALA B 399 -6.52 -5.12 -11.16
C ALA B 399 -7.72 -5.41 -12.08
N TRP B 400 -7.64 -4.94 -13.33
CA TRP B 400 -8.65 -5.19 -14.34
C TRP B 400 -8.78 -6.69 -14.65
N GLU B 401 -7.66 -7.32 -14.96
CA GLU B 401 -7.59 -8.77 -15.30
C GLU B 401 -7.95 -9.67 -14.10
N THR B 402 -7.92 -9.07 -12.91
CA THR B 402 -8.42 -9.69 -11.70
C THR B 402 -9.94 -9.60 -11.66
N ALA B 403 -10.50 -8.49 -12.15
CA ALA B 403 -11.95 -8.32 -12.26
C ALA B 403 -12.51 -8.86 -13.59
N ARG B 404 -12.28 -8.11 -14.65
CA ARG B 404 -12.77 -8.48 -15.96
C ARG B 404 -11.83 -9.51 -16.59
N HIS B 405 -12.32 -10.72 -16.78
CA HIS B 405 -11.55 -11.77 -17.45
C HIS B 405 -11.19 -11.29 -18.86
N THR B 406 -9.92 -11.40 -19.20
CA THR B 406 -9.41 -10.77 -20.41
C THR B 406 -8.78 -11.80 -21.37
N PRO B 407 -8.77 -11.49 -22.68
CA PRO B 407 -8.16 -12.37 -23.71
C PRO B 407 -6.67 -12.66 -23.55
N ILE B 408 -5.93 -11.66 -23.09
CA ILE B 408 -4.49 -11.76 -22.87
C ILE B 408 -4.14 -11.12 -21.54
N ASN B 409 -3.34 -11.80 -20.74
CA ASN B 409 -3.06 -11.36 -19.36
C ASN B 409 -1.71 -10.70 -19.21
N SER B 410 -1.67 -9.37 -19.35
CA SER B 410 -0.41 -8.61 -19.27
C SER B 410 0.31 -8.85 -17.96
N TRP B 411 -0.43 -9.08 -16.87
CA TRP B 411 0.20 -9.42 -15.61
C TRP B 411 1.16 -10.60 -15.79
N LEU B 412 0.79 -11.55 -16.64
CA LEU B 412 1.64 -12.70 -16.95
C LEU B 412 2.91 -12.30 -17.73
N GLY B 413 2.75 -11.40 -18.70
CA GLY B 413 3.89 -10.83 -19.43
C GLY B 413 4.82 -10.07 -18.51
N ASN B 414 4.24 -9.18 -17.70
CA ASN B 414 5.02 -8.34 -16.80
C ASN B 414 5.84 -9.15 -15.81
N ILE B 415 5.28 -10.27 -15.33
CA ILE B 415 6.04 -11.14 -14.42
C ILE B 415 7.29 -11.67 -15.10
N ILE B 416 7.10 -12.30 -16.26
CA ILE B 416 8.19 -12.91 -16.99
C ILE B 416 9.25 -11.87 -17.30
N MET B 417 8.82 -10.75 -17.89
CA MET B 417 9.76 -9.71 -18.28
C MET B 417 10.41 -9.00 -17.09
N TYR B 418 9.65 -8.71 -16.04
CA TYR B 418 10.16 -7.97 -14.88
C TYR B 418 10.24 -8.85 -13.65
N ALA B 419 10.63 -10.11 -13.85
CA ALA B 419 10.79 -11.07 -12.76
C ALA B 419 11.70 -10.57 -11.63
N PRO B 420 12.79 -9.85 -11.97
CA PRO B 420 13.68 -9.35 -10.92
C PRO B 420 13.16 -8.09 -10.15
N THR B 421 12.14 -7.42 -10.70
CA THR B 421 11.66 -6.17 -10.11
C THR B 421 10.92 -6.42 -8.81
N LEU B 422 11.40 -5.76 -7.76
CA LEU B 422 10.72 -5.62 -6.47
C LEU B 422 9.20 -5.78 -6.58
N TRP B 423 8.60 -4.94 -7.43
CA TRP B 423 7.13 -4.86 -7.59
C TRP B 423 6.49 -6.12 -8.17
N ALA B 424 7.10 -6.70 -9.21
CA ALA B 424 6.63 -7.96 -9.77
C ALA B 424 6.63 -9.05 -8.72
N ARG B 425 7.76 -9.16 -8.04
CA ARG B 425 8.00 -10.19 -7.04
C ARG B 425 7.08 -10.09 -5.82
N MET B 426 6.92 -8.88 -5.30
CA MET B 426 6.19 -8.68 -4.05
C MET B 426 4.69 -8.59 -4.22
N ILE B 427 4.25 -7.94 -5.30
CA ILE B 427 2.83 -7.79 -5.55
C ILE B 427 2.40 -8.77 -6.62
N LEU B 428 2.76 -8.54 -7.87
CA LEU B 428 2.24 -9.37 -8.96
C LEU B 428 2.21 -10.86 -8.64
N MET B 429 3.36 -11.40 -8.25
CA MET B 429 3.45 -12.84 -8.00
C MET B 429 2.50 -13.18 -6.86
N THR B 430 2.79 -12.63 -5.67
CA THR B 430 1.98 -12.83 -4.45
C THR B 430 0.49 -12.91 -4.71
N HIS B 431 -0.01 -11.88 -5.39
CA HIS B 431 -1.44 -11.66 -5.59
C HIS B 431 -2.06 -12.71 -6.49
N PHE B 432 -1.44 -12.99 -7.62
CA PHE B 432 -2.06 -13.85 -8.61
C PHE B 432 -1.94 -15.33 -8.24
N PHE B 433 -0.79 -15.74 -7.70
CA PHE B 433 -0.67 -17.11 -7.20
C PHE B 433 -1.66 -17.38 -6.06
N SER B 434 -1.99 -16.33 -5.31
CA SER B 434 -3.11 -16.40 -4.36
C SER B 434 -4.43 -16.71 -5.09
N ILE B 435 -4.76 -15.92 -6.11
CA ILE B 435 -6.05 -16.05 -6.82
C ILE B 435 -6.20 -17.41 -7.52
N LEU B 436 -5.10 -17.88 -8.07
CA LEU B 436 -5.09 -19.18 -8.74
C LEU B 436 -5.28 -20.26 -7.70
N LEU B 437 -4.51 -20.17 -6.62
CA LEU B 437 -4.67 -21.07 -5.48
C LEU B 437 -6.15 -21.25 -5.14
N ALA B 438 -6.83 -20.13 -4.85
CA ALA B 438 -8.23 -20.14 -4.45
C ALA B 438 -9.15 -20.81 -5.48
N GLN B 439 -8.88 -20.56 -6.76
CA GLN B 439 -9.72 -21.07 -7.84
C GLN B 439 -9.23 -22.41 -8.43
N GLU B 440 -8.16 -22.98 -7.88
CA GLU B 440 -7.51 -24.18 -8.45
C GLU B 440 -7.32 -24.03 -9.96
N GLN B 441 -6.57 -23.02 -10.36
CA GLN B 441 -6.33 -22.66 -11.76
C GLN B 441 -4.85 -22.72 -12.14
N LEU B 442 -4.08 -23.54 -11.43
CA LEU B 442 -2.63 -23.50 -11.52
C LEU B 442 -2.18 -24.14 -12.82
N GLU B 443 -2.72 -25.31 -13.14
CA GLU B 443 -2.44 -25.98 -14.41
C GLU B 443 -2.95 -25.15 -15.58
N LYS B 444 -4.10 -24.50 -15.39
CA LYS B 444 -4.80 -23.83 -16.48
C LYS B 444 -3.91 -22.78 -17.19
N ALA B 445 -3.37 -23.16 -18.35
CA ALA B 445 -2.52 -22.27 -19.13
C ALA B 445 -3.26 -21.00 -19.53
N LEU B 446 -2.48 -19.96 -19.79
CA LEU B 446 -3.02 -18.63 -19.97
C LEU B 446 -2.31 -17.95 -21.11
N ASP B 447 -3.10 -17.29 -21.97
CA ASP B 447 -2.54 -16.49 -23.03
C ASP B 447 -2.00 -15.20 -22.44
N CYS B 448 -0.96 -14.68 -23.06
CA CYS B 448 -0.41 -13.35 -22.81
C CYS B 448 0.68 -13.14 -23.87
N GLN B 449 1.28 -11.95 -23.95
CA GLN B 449 2.05 -11.66 -25.15
C GLN B 449 3.36 -10.89 -25.03
N ILE B 450 4.41 -11.43 -25.66
CA ILE B 450 5.80 -10.93 -25.56
C ILE B 450 6.33 -10.44 -26.90
N TYR B 451 6.84 -9.21 -26.89
CA TYR B 451 7.30 -8.55 -28.10
C TYR B 451 6.32 -8.80 -29.25
N GLY B 452 5.05 -8.47 -29.02
CA GLY B 452 4.06 -8.54 -30.09
C GLY B 452 3.50 -9.92 -30.37
N ALA B 453 4.36 -10.94 -30.41
CA ALA B 453 3.91 -12.33 -30.56
C ALA B 453 3.24 -12.76 -29.28
N CYS B 454 2.79 -13.99 -29.19
CA CYS B 454 1.74 -14.35 -28.27
C CYS B 454 1.75 -15.83 -27.83
N TYR B 455 1.96 -16.08 -26.53
CA TYR B 455 2.28 -17.42 -25.99
C TYR B 455 1.24 -17.91 -24.99
N SER B 456 0.98 -19.22 -24.99
CA SER B 456 0.06 -19.83 -24.03
C SER B 456 0.87 -20.56 -22.97
N ILE B 457 0.69 -20.19 -21.71
CA ILE B 457 1.63 -20.56 -20.62
C ILE B 457 0.94 -20.97 -19.31
N GLU B 458 1.39 -22.09 -18.74
CA GLU B 458 0.92 -22.52 -17.42
C GLU B 458 1.66 -21.77 -16.31
N PRO B 459 0.92 -21.23 -15.31
CA PRO B 459 1.50 -20.68 -14.08
C PRO B 459 2.61 -21.51 -13.43
N LEU B 460 2.44 -22.83 -13.39
CA LEU B 460 3.40 -23.71 -12.72
C LEU B 460 4.70 -23.92 -13.50
N ASP B 461 4.78 -23.37 -14.71
CA ASP B 461 6.04 -23.25 -15.47
C ASP B 461 6.88 -22.04 -15.06
N LEU B 462 6.33 -21.14 -14.25
CA LEU B 462 6.93 -19.82 -14.09
C LEU B 462 8.36 -19.83 -13.56
N PRO B 463 8.65 -20.67 -12.55
CA PRO B 463 10.03 -20.77 -12.04
C PRO B 463 11.08 -21.08 -13.12
N GLN B 464 10.78 -22.05 -13.99
CA GLN B 464 11.72 -22.47 -15.05
C GLN B 464 11.92 -21.35 -16.04
N ILE B 465 10.81 -20.78 -16.49
CA ILE B 465 10.82 -19.65 -17.42
C ILE B 465 11.68 -18.51 -16.89
N ILE B 466 11.44 -18.09 -15.65
CA ILE B 466 12.25 -17.05 -15.04
C ILE B 466 13.71 -17.50 -15.04
N GLU B 467 13.98 -18.73 -14.59
CA GLU B 467 15.36 -19.17 -14.43
C GLU B 467 16.14 -19.06 -15.73
N ARG B 468 15.55 -19.59 -16.80
CA ARG B 468 16.18 -19.57 -18.10
C ARG B 468 16.41 -18.14 -18.64
N LEU B 469 15.45 -17.24 -18.48
CA LEU B 469 15.62 -15.86 -18.96
C LEU B 469 16.47 -14.97 -18.08
N HIS B 470 16.38 -15.17 -16.76
CA HIS B 470 17.05 -14.27 -15.80
C HIS B 470 18.14 -14.92 -14.95
N GLY B 471 18.16 -16.24 -14.84
CA GLY B 471 19.07 -16.94 -13.95
C GLY B 471 18.53 -16.92 -12.54
N LEU B 472 19.25 -17.57 -11.65
CA LEU B 472 18.82 -17.68 -10.25
C LEU B 472 18.84 -16.36 -9.46
N SER B 473 19.66 -15.40 -9.89
CA SER B 473 19.69 -14.07 -9.28
C SER B 473 18.33 -13.40 -9.23
N ALA B 474 17.46 -13.70 -10.20
CA ALA B 474 16.08 -13.18 -10.17
C ALA B 474 15.32 -13.55 -8.90
N PHE B 475 15.69 -14.68 -8.27
CA PHE B 475 15.07 -15.15 -7.02
C PHE B 475 15.83 -14.71 -5.75
N THR B 476 16.78 -13.78 -5.88
CA THR B 476 17.63 -13.39 -4.74
C THR B 476 17.98 -11.89 -4.59
N LEU B 477 17.75 -11.06 -5.62
CA LEU B 477 18.11 -9.64 -5.54
C LEU B 477 17.49 -9.00 -4.29
N HIS B 478 18.28 -8.23 -3.54
CA HIS B 478 17.83 -7.76 -2.22
C HIS B 478 17.98 -6.26 -1.95
N SER B 479 19.16 -5.71 -2.25
CA SER B 479 19.48 -4.32 -1.89
C SER B 479 19.03 -3.36 -2.98
N TYR B 480 17.73 -3.11 -3.06
CA TYR B 480 17.20 -2.31 -4.15
C TYR B 480 17.58 -0.83 -4.02
N SER B 481 17.73 -0.16 -5.16
CA SER B 481 18.08 1.26 -5.24
C SER B 481 16.97 2.18 -4.68
N PRO B 482 17.27 2.93 -3.60
CA PRO B 482 16.35 3.84 -2.95
C PRO B 482 15.43 4.63 -3.88
N GLY B 483 15.97 5.28 -4.90
CA GLY B 483 15.12 5.95 -5.87
C GLY B 483 14.01 5.04 -6.37
N GLU B 484 14.39 3.82 -6.76
CA GLU B 484 13.46 2.82 -7.33
C GLU B 484 12.45 2.35 -6.30
N ILE B 485 12.93 2.08 -5.08
CA ILE B 485 12.03 1.73 -3.96
C ILE B 485 10.98 2.83 -3.77
N ASN B 486 11.43 4.09 -3.79
CA ASN B 486 10.55 5.24 -3.60
C ASN B 486 9.58 5.45 -4.74
N ARG B 487 10.02 5.08 -5.94
CA ARG B 487 9.11 5.05 -7.08
C ARG B 487 7.95 4.10 -6.75
N VAL B 488 8.28 2.86 -6.38
CA VAL B 488 7.27 1.86 -6.00
C VAL B 488 6.41 2.41 -4.84
N ALA B 489 7.06 2.94 -3.82
CA ALA B 489 6.34 3.47 -2.67
C ALA B 489 5.24 4.42 -3.09
N SER B 490 5.57 5.40 -3.92
CA SER B 490 4.64 6.45 -4.34
C SER B 490 3.47 5.84 -5.06
N CYS B 491 3.81 5.01 -6.01
CA CYS B 491 2.86 4.39 -6.90
C CYS B 491 1.76 3.59 -6.18
N LEU B 492 2.12 2.94 -5.07
CA LEU B 492 1.17 2.14 -4.29
C LEU B 492 0.17 3.02 -3.54
N ARG B 493 0.69 4.06 -2.91
CA ARG B 493 -0.12 5.04 -2.20
C ARG B 493 -1.05 5.75 -3.17
N LYS B 494 -0.52 6.11 -4.34
CA LYS B 494 -1.33 6.67 -5.40
C LYS B 494 -2.57 5.80 -5.69
N LEU B 495 -2.33 4.55 -6.11
CA LEU B 495 -3.40 3.62 -6.51
C LEU B 495 -4.23 3.05 -5.35
N GLY B 496 -3.73 3.14 -4.12
CA GLY B 496 -4.43 2.57 -2.97
C GLY B 496 -4.10 1.12 -2.75
N VAL B 497 -2.98 0.67 -3.34
CA VAL B 497 -2.45 -0.68 -3.11
C VAL B 497 -1.69 -0.69 -1.78
N PRO B 498 -2.01 -1.66 -0.90
CA PRO B 498 -1.40 -1.64 0.44
C PRO B 498 0.14 -1.61 0.40
N PRO B 499 0.78 -1.26 1.52
CA PRO B 499 2.23 -1.09 1.47
C PRO B 499 2.94 -2.42 1.30
N LEU B 500 4.25 -2.36 1.07
CA LEU B 500 5.02 -3.55 0.76
C LEU B 500 5.15 -4.46 1.96
N ARG B 501 5.10 -3.88 3.15
CA ARG B 501 5.16 -4.68 4.35
C ARG B 501 3.95 -5.60 4.48
N THR B 502 2.79 -5.12 4.04
CA THR B 502 1.60 -5.98 3.95
C THR B 502 1.90 -7.16 3.03
N TRP B 503 2.44 -6.90 1.84
CA TRP B 503 2.75 -7.97 0.89
C TRP B 503 3.68 -9.08 1.45
N ARG B 504 4.59 -8.74 2.36
CA ARG B 504 5.44 -9.74 3.04
C ARG B 504 4.59 -10.82 3.74
N HIS B 505 3.48 -10.40 4.36
CA HIS B 505 2.62 -11.34 5.06
C HIS B 505 1.89 -12.26 4.09
N ARG B 506 1.19 -11.67 3.12
CA ARG B 506 0.43 -12.48 2.17
C ARG B 506 1.32 -13.53 1.53
N ALA B 507 2.53 -13.13 1.13
CA ALA B 507 3.47 -14.03 0.45
C ALA B 507 3.90 -15.24 1.28
N ARG B 508 3.97 -15.09 2.60
CA ARG B 508 4.22 -16.24 3.47
C ARG B 508 3.04 -17.20 3.49
N SER B 509 1.83 -16.66 3.47
CA SER B 509 0.63 -17.48 3.47
C SER B 509 0.47 -18.16 2.13
N VAL B 510 0.75 -17.43 1.05
CA VAL B 510 0.73 -18.00 -0.31
C VAL B 510 1.75 -19.12 -0.44
N ARG B 511 2.91 -18.94 0.19
CA ARG B 511 4.00 -19.89 0.04
C ARG B 511 3.65 -21.24 0.65
N ALA B 512 3.17 -21.20 1.89
CA ALA B 512 2.87 -22.42 2.65
C ALA B 512 1.77 -23.26 2.01
N LYS B 513 0.72 -22.59 1.53
CA LYS B 513 -0.32 -23.25 0.77
C LYS B 513 0.27 -23.91 -0.50
N LEU B 514 1.23 -23.24 -1.16
CA LEU B 514 1.91 -23.82 -2.33
C LEU B 514 2.78 -25.02 -1.96
N LEU B 515 3.57 -24.89 -0.89
CA LEU B 515 4.43 -25.97 -0.39
C LEU B 515 3.66 -27.24 -0.04
N SER B 516 2.58 -27.09 0.73
CA SER B 516 1.72 -28.23 1.08
C SER B 516 1.29 -29.03 -0.14
N GLN B 517 0.87 -28.32 -1.20
CA GLN B 517 0.49 -28.97 -2.46
C GLN B 517 1.61 -29.81 -3.10
N GLY B 518 2.87 -29.49 -2.80
CA GLY B 518 3.98 -30.32 -3.29
C GLY B 518 4.13 -30.25 -4.80
N GLY B 519 4.64 -31.32 -5.40
CA GLY B 519 4.76 -31.40 -6.86
C GLY B 519 5.28 -30.11 -7.48
N ARG B 520 4.64 -29.67 -8.56
CA ARG B 520 5.06 -28.46 -9.26
C ARG B 520 4.75 -27.20 -8.49
N ALA B 521 3.68 -27.22 -7.70
CA ALA B 521 3.26 -26.05 -6.94
C ALA B 521 4.28 -25.65 -5.87
N ALA B 522 4.85 -26.63 -5.20
CA ALA B 522 5.82 -26.37 -4.12
C ALA B 522 7.00 -25.55 -4.64
N THR B 523 7.43 -25.85 -5.86
CA THR B 523 8.58 -25.19 -6.47
C THR B 523 8.44 -23.68 -6.39
N CYS B 524 7.29 -23.17 -6.81
CA CYS B 524 6.96 -21.76 -6.75
C CYS B 524 7.15 -21.21 -5.36
N GLY B 525 6.63 -21.93 -4.37
CA GLY B 525 6.86 -21.60 -2.99
C GLY B 525 8.32 -21.26 -2.77
N ARG B 526 9.20 -22.22 -3.06
CA ARG B 526 10.63 -22.08 -2.72
C ARG B 526 11.29 -20.93 -3.46
N TYR B 527 11.21 -20.95 -4.79
CA TYR B 527 11.95 -20.00 -5.60
C TYR B 527 11.35 -18.61 -5.59
N LEU B 528 10.05 -18.52 -5.86
CA LEU B 528 9.39 -17.22 -5.98
C LEU B 528 9.32 -16.48 -4.65
N PHE B 529 8.79 -17.13 -3.63
CA PHE B 529 8.55 -16.48 -2.34
C PHE B 529 9.63 -16.81 -1.32
N ASN B 530 10.89 -16.68 -1.76
CA ASN B 530 12.06 -16.90 -0.92
C ASN B 530 12.45 -15.63 -0.18
N TRP B 531 12.31 -14.50 -0.87
CA TRP B 531 12.41 -13.17 -0.27
C TRP B 531 11.43 -12.96 0.88
N ALA B 532 10.28 -13.62 0.84
CA ALA B 532 9.22 -13.41 1.85
C ALA B 532 9.61 -13.90 3.24
N VAL B 533 10.51 -14.89 3.29
CA VAL B 533 10.85 -15.59 4.54
C VAL B 533 12.33 -15.41 4.93
N ARG B 534 12.53 -14.97 6.16
CA ARG B 534 13.88 -14.80 6.71
C ARG B 534 14.58 -16.13 7.04
N THR B 535 13.83 -17.24 7.02
CA THR B 535 14.42 -18.60 7.04
C THR B 535 14.84 -18.98 5.62
N LYS B 536 15.59 -18.09 4.98
CA LYS B 536 15.74 -18.10 3.53
C LYS B 536 16.52 -19.32 3.10
N LEU B 537 15.85 -20.22 2.38
CA LEU B 537 16.49 -21.43 1.85
C LEU B 537 17.38 -21.09 0.65
N LYS B 538 18.26 -22.02 0.28
CA LYS B 538 19.25 -21.80 -0.78
C LYS B 538 18.73 -22.40 -2.09
N LEU B 539 19.12 -21.81 -3.22
CA LEU B 539 18.54 -22.16 -4.51
C LEU B 539 19.60 -22.64 -5.50
N THR B 540 19.24 -23.60 -6.35
CA THR B 540 20.14 -24.20 -7.33
C THR B 540 19.34 -24.66 -8.54
N PRO B 541 20.00 -24.80 -9.70
CA PRO B 541 19.35 -25.10 -10.99
C PRO B 541 18.17 -26.09 -10.96
N ILE B 542 17.15 -25.77 -11.75
CA ILE B 542 15.88 -26.49 -11.72
C ILE B 542 15.86 -27.46 -12.90
N PRO B 543 15.89 -28.76 -12.61
CA PRO B 543 16.18 -29.80 -13.63
C PRO B 543 15.18 -29.86 -14.80
N ALA B 544 13.92 -29.59 -14.50
CA ALA B 544 12.87 -29.58 -15.50
C ALA B 544 12.96 -28.37 -16.40
N ALA B 545 13.58 -27.30 -15.90
CA ALA B 545 13.83 -26.11 -16.72
C ALA B 545 14.86 -26.46 -17.78
N SER B 546 15.90 -27.20 -17.36
CA SER B 546 17.05 -27.51 -18.23
C SER B 546 16.60 -27.46 -19.69
N GLN B 547 15.89 -28.48 -20.12
CA GLN B 547 15.22 -28.47 -21.41
C GLN B 547 13.78 -28.93 -21.17
N LEU B 548 12.93 -28.81 -22.19
CA LEU B 548 11.53 -28.41 -22.01
C LEU B 548 11.66 -26.87 -21.84
N ASP B 549 12.49 -26.33 -22.73
CA ASP B 549 13.12 -25.03 -22.61
C ASP B 549 13.31 -24.61 -24.07
N LEU B 550 12.20 -24.47 -24.78
CA LEU B 550 12.23 -24.09 -26.17
C LEU B 550 12.18 -22.56 -26.26
N SER B 551 13.14 -21.99 -26.97
CA SER B 551 13.22 -20.54 -27.16
C SER B 551 12.74 -20.16 -28.58
N GLY B 552 13.10 -18.96 -29.05
CA GLY B 552 12.39 -18.30 -30.16
C GLY B 552 11.50 -17.21 -29.59
N TRP B 553 11.89 -16.72 -28.41
CA TRP B 553 11.08 -15.80 -27.64
C TRP B 553 11.56 -14.37 -27.80
N PHE B 554 12.86 -14.24 -27.99
CA PHE B 554 13.47 -12.95 -28.18
C PHE B 554 14.31 -13.02 -29.43
N VAL B 555 13.65 -12.69 -30.52
CA VAL B 555 14.15 -12.90 -31.87
C VAL B 555 13.64 -11.77 -32.79
N ALA B 556 12.33 -11.58 -32.77
CA ALA B 556 11.67 -10.63 -33.63
C ALA B 556 10.44 -10.04 -32.91
N GLY B 557 10.10 -8.80 -33.27
CA GLY B 557 8.90 -8.12 -32.78
C GLY B 557 7.76 -8.36 -33.76
N TYR B 558 6.54 -8.48 -33.25
CA TYR B 558 5.40 -8.85 -34.09
C TYR B 558 4.11 -8.12 -33.69
N SER B 559 4.24 -6.84 -33.35
CA SER B 559 3.10 -6.08 -32.85
C SER B 559 2.15 -5.60 -33.96
N GLY B 560 0.91 -6.12 -33.93
CA GLY B 560 -0.04 -5.97 -35.02
C GLY B 560 0.07 -7.12 -36.01
N GLY B 561 0.93 -8.09 -35.71
CA GLY B 561 1.23 -9.16 -36.64
C GLY B 561 0.40 -10.43 -36.52
N ASP B 562 -0.42 -10.53 -35.47
CA ASP B 562 -1.31 -11.67 -35.30
C ASP B 562 -0.54 -12.99 -35.26
N ILE B 563 0.55 -13.00 -34.49
CA ILE B 563 1.45 -14.13 -34.40
C ILE B 563 1.26 -14.85 -33.07
N TYR B 564 1.30 -16.18 -33.12
CA TYR B 564 1.04 -17.00 -31.95
C TYR B 564 2.02 -18.17 -31.93
N HIS B 565 2.65 -18.36 -30.76
CA HIS B 565 3.70 -19.36 -30.56
C HIS B 565 3.24 -20.41 -29.53
N SER B 566 3.31 -21.68 -29.93
CA SER B 566 2.95 -22.79 -29.03
C SER B 566 4.17 -23.28 -28.25
CL29 XND C . -0.93 6.81 20.73
C22 XND C . -1.48 6.25 22.25
C21 XND C . -2.78 5.77 22.39
C20 XND C . -3.18 5.32 23.64
CL28 XND C . -4.78 4.72 23.86
C23 XND C . -0.61 6.29 23.33
C24 XND C . -1.03 5.84 24.57
C16 XND C . -2.31 5.35 24.75
C11 XND C . -2.85 4.83 26.10
C5 XND C . -1.80 4.84 27.23
C6 XND C . -1.18 3.56 27.55
O25 XND C . -1.33 2.60 26.80
C1 XND C . -0.29 3.48 28.77
N10 XND C . -4.09 5.56 26.46
C17 XND C . -4.96 4.91 27.39
C19 XND C . -6.00 5.64 28.21
O18 XND C . -4.90 3.69 27.57
C9 XND C . -3.99 6.99 26.32
C15 XND C . -4.90 7.65 25.50
C14 XND C . -4.83 9.01 25.31
C13 XND C . -3.83 9.74 25.92
C12 XND C . -2.89 9.10 26.71
O30 XND C . -1.90 9.80 27.29
C8 XND C . -2.95 7.74 26.90
N7 XND C . -1.90 7.23 27.70
C4 XND C . -1.35 5.97 27.85
C3 XND C . -0.17 5.95 28.82
C2 XND C . 0.67 4.68 28.80
C27 XND C . 1.55 4.61 30.06
C26 XND C . 1.54 4.73 27.51
MG MG D . -11.23 16.28 26.01
CL29 XND E . 12.49 -3.07 -22.91
C22 XND E . 10.99 -3.68 -23.42
C21 XND E . 10.81 -3.85 -24.77
C20 XND E . 9.61 -4.33 -25.24
CL28 XND E . 9.47 -4.51 -26.93
C23 XND E . 9.97 -4.00 -22.54
C24 XND E . 8.75 -4.49 -23.00
C16 XND E . 8.55 -4.68 -24.37
C11 XND E . 7.23 -5.19 -25.00
C5 XND E . 6.20 -5.59 -23.93
C6 XND E . 6.05 -7.06 -23.66
O25 XND E . 6.79 -7.86 -24.18
C1 XND E . 4.99 -7.52 -22.68
N10 XND E . 6.66 -4.17 -25.90
C17 XND E . 5.65 -4.57 -26.79
C19 XND E . 4.71 -3.57 -27.44
O18 XND E . 5.51 -5.75 -27.05
C9 XND E . 6.77 -2.83 -25.45
C15 XND E . 7.50 -1.93 -26.22
C14 XND E . 7.66 -0.62 -25.79
C13 XND E . 7.09 -0.21 -24.58
C12 XND E . 6.38 -1.10 -23.82
O30 XND E . 5.86 -0.65 -22.67
C8 XND E . 6.21 -2.43 -24.23
N7 XND E . 5.52 -3.30 -23.34
C4 XND E . 5.54 -4.68 -23.17
C3 XND E . 4.70 -5.15 -21.98
C2 XND E . 4.97 -6.57 -21.48
C27 XND E . 6.34 -6.56 -20.78
C26 XND E . 3.89 -7.07 -20.51
MG MG F . 6.14 7.98 -29.94
#